data_4Z1Y
#
_entry.id   4Z1Y
#
_cell.length_a   146.324
_cell.length_b   146.324
_cell.length_c   101.883
_cell.angle_alpha   90.00
_cell.angle_beta   90.00
_cell.angle_gamma   90.00
#
_symmetry.space_group_name_H-M   'I 4'
#
loop_
_entity.id
_entity.type
_entity.pdbx_description
1 polymer Enolase
2 non-polymer 'MAGNESIUM ION'
3 non-polymer '2-PHOSPHOGLYCERIC ACID'
4 water water
#
_entity_poly.entity_id   1
_entity_poly.type   'polypeptide(L)'
_entity_poly.pdbx_seq_one_letter_code
;MSTLIEAIVAREVLDSRGNPTIEVDVRLESGDVGRAIVPSGASTGAHEALELRDGDKSRYNGKGVLKAVQAVNEDIAEAL
IGFDAADQIALDQELIALDGTPNKSKLGANAILGVSLAAAKAAAAAFGLPLYRYLGGVYAHVLPVPMMNIMNGGQHATNS
TDFQEFMIMPVGAESFREGLRWGAEIYHMLKKVIHDRGFSTTVGDEGGFAPSLPTNDAPLQLIMEAIEKAGYRPGEQIVI
ALDPATTEIFEDGKYHLKREGRSLSSAEMVDYWVDLVNRYPIISLEDGLAEDDWEGWALLRAKLGDRVQLVGDDFLVTNV
QRLQRAIEAKAANSILIKLNQIGSLTETLSAIQLAQRSGWTAVVSHRSGESEDVTIADLVVATNAGQIKTGAPARTDRIA
KYNQLLRIEEELGSAARYAGRSAFKV
;
_entity_poly.pdbx_strand_id   A,B
#
loop_
_chem_comp.id
_chem_comp.type
_chem_comp.name
_chem_comp.formula
2PG non-polymer '2-PHOSPHOGLYCERIC ACID' 'C3 H7 O7 P'
MG non-polymer 'MAGNESIUM ION' 'Mg 2'
#
# COMPACT_ATOMS: atom_id res chain seq x y z
N SER A 2 -9.96 -30.68 -13.90
CA SER A 2 -8.74 -30.06 -13.35
C SER A 2 -8.78 -28.52 -13.31
N THR A 3 -9.36 -27.83 -14.34
CA THR A 3 -9.60 -26.37 -14.23
C THR A 3 -11.05 -26.10 -13.77
N LEU A 4 -11.75 -27.18 -13.40
CA LEU A 4 -13.12 -27.18 -12.88
C LEU A 4 -13.06 -26.66 -11.46
N ILE A 5 -13.88 -25.65 -11.15
CA ILE A 5 -13.99 -25.05 -9.81
C ILE A 5 -14.50 -26.07 -8.76
N GLU A 6 -13.74 -26.18 -7.67
CA GLU A 6 -14.04 -27.07 -6.56
C GLU A 6 -14.57 -26.28 -5.34
N ALA A 7 -14.05 -25.07 -5.10
CA ALA A 7 -14.46 -24.22 -3.98
C ALA A 7 -14.29 -22.77 -4.32
N ILE A 8 -15.22 -21.93 -3.82
CA ILE A 8 -15.23 -20.48 -3.93
C ILE A 8 -15.51 -19.93 -2.52
N VAL A 9 -14.54 -19.23 -1.93
CA VAL A 9 -14.64 -18.65 -0.58
C VAL A 9 -14.27 -17.17 -0.62
N ALA A 10 -15.05 -16.34 0.10
CA ALA A 10 -14.82 -14.89 0.21
C ALA A 10 -14.63 -14.48 1.67
N ARG A 11 -13.90 -13.38 1.87
CA ARG A 11 -13.70 -12.82 3.20
C ARG A 11 -13.72 -11.28 3.12
N GLU A 12 -13.91 -10.65 4.28
CA GLU A 12 -13.90 -9.21 4.39
C GLU A 12 -12.49 -8.79 4.86
N VAL A 13 -11.76 -8.13 3.97
CA VAL A 13 -10.43 -7.58 4.26
C VAL A 13 -10.60 -6.03 4.27
N LEU A 14 -9.49 -5.29 4.35
CA LEU A 14 -9.52 -3.83 4.33
C LEU A 14 -8.82 -3.28 3.11
N ASP A 15 -9.27 -2.12 2.61
CA ASP A 15 -8.66 -1.46 1.46
C ASP A 15 -7.58 -0.48 1.93
N SER A 16 -6.98 0.27 0.99
CA SER A 16 -5.93 1.22 1.31
C SER A 16 -6.42 2.45 2.11
N ARG A 17 -7.75 2.58 2.32
CA ARG A 17 -8.30 3.69 3.08
C ARG A 17 -8.73 3.20 4.46
N GLY A 18 -8.64 1.88 4.64
CA GLY A 18 -9.01 1.22 5.87
C GLY A 18 -10.48 0.89 5.92
N ASN A 19 -11.13 0.87 4.76
CA ASN A 19 -12.55 0.52 4.65
C ASN A 19 -12.69 -0.94 4.23
N PRO A 20 -13.74 -1.67 4.70
CA PRO A 20 -13.90 -3.07 4.28
C PRO A 20 -13.98 -3.25 2.78
N THR A 21 -13.43 -4.37 2.29
CA THR A 21 -13.51 -4.75 0.88
C THR A 21 -13.56 -6.27 0.80
N ILE A 22 -14.03 -6.79 -0.32
CA ILE A 22 -14.12 -8.23 -0.51
C ILE A 22 -12.85 -8.81 -1.18
N GLU A 23 -12.42 -9.96 -0.64
CA GLU A 23 -11.38 -10.80 -1.20
C GLU A 23 -12.03 -12.15 -1.50
N VAL A 24 -11.81 -12.64 -2.71
CA VAL A 24 -12.36 -13.90 -3.18
C VAL A 24 -11.22 -14.87 -3.53
N ASP A 25 -11.33 -16.13 -3.09
CA ASP A 25 -10.43 -17.22 -3.44
C ASP A 25 -11.23 -18.22 -4.27
N VAL A 26 -10.71 -18.60 -5.43
CA VAL A 26 -11.33 -19.62 -6.28
C VAL A 26 -10.34 -20.81 -6.36
N ARG A 27 -10.75 -21.96 -5.82
CA ARG A 27 -9.93 -23.18 -5.81
C ARG A 27 -10.44 -24.17 -6.86
N LEU A 28 -9.53 -24.63 -7.73
CA LEU A 28 -9.85 -25.59 -8.80
C LEU A 28 -9.51 -27.03 -8.41
N GLU A 29 -10.02 -28.01 -9.20
CA GLU A 29 -9.71 -29.43 -8.93
C GLU A 29 -8.21 -29.75 -8.98
N SER A 30 -7.43 -28.95 -9.73
CA SER A 30 -5.96 -29.04 -9.84
C SER A 30 -5.28 -28.69 -8.51
N GLY A 31 -6.02 -28.01 -7.63
CA GLY A 31 -5.52 -27.57 -6.33
C GLY A 31 -5.04 -26.12 -6.33
N ASP A 32 -4.99 -25.50 -7.54
CA ASP A 32 -4.62 -24.10 -7.76
C ASP A 32 -5.68 -23.16 -7.22
N VAL A 33 -5.20 -22.09 -6.59
CA VAL A 33 -6.02 -21.07 -5.96
C VAL A 33 -5.73 -19.70 -6.60
N GLY A 34 -6.79 -19.01 -6.98
CA GLY A 34 -6.72 -17.65 -7.49
C GLY A 34 -7.29 -16.75 -6.42
N ARG A 35 -6.61 -15.62 -6.14
CA ARG A 35 -7.03 -14.69 -5.08
C ARG A 35 -7.18 -13.30 -5.65
N ALA A 36 -8.30 -12.62 -5.34
CA ALA A 36 -8.52 -11.27 -5.85
C ALA A 36 -9.25 -10.40 -4.86
N ILE A 37 -8.75 -9.17 -4.71
CA ILE A 37 -9.30 -8.12 -3.85
C ILE A 37 -9.95 -7.08 -4.75
N VAL A 38 -11.16 -6.64 -4.41
CA VAL A 38 -11.90 -5.69 -5.25
C VAL A 38 -11.65 -4.24 -4.80
N PRO A 39 -11.37 -3.33 -5.72
CA PRO A 39 -11.12 -1.93 -5.39
C PRO A 39 -12.37 -1.07 -5.56
N SER A 40 -12.32 0.07 -4.88
N SER A 40 -12.25 -0.05 -4.73
CA SER A 40 -13.54 0.72 -4.40
CA SER A 40 -13.31 0.96 -4.62
C SER A 40 -13.63 2.10 -5.04
C SER A 40 -12.70 2.37 -4.55
N GLY A 41 -14.85 2.50 -5.39
N GLY A 41 -13.58 3.37 -4.47
CA GLY A 41 -16.01 1.67 -5.19
CA GLY A 41 -15.01 3.14 -4.44
C GLY A 41 -17.24 2.40 -4.66
C GLY A 41 -15.78 4.41 -4.70
N ALA A 42 -18.32 2.37 -5.43
N ALA A 42 -16.34 4.98 -3.64
CA ALA A 42 -19.56 3.02 -5.03
CA ALA A 42 -17.12 6.21 -3.75
C ALA A 42 -20.64 2.00 -4.69
C ALA A 42 -18.25 6.01 -4.74
N SER A 43 -21.82 2.49 -4.34
N SER A 43 -18.66 7.08 -5.41
CA SER A 43 -22.94 1.62 -3.98
CA SER A 43 -19.76 7.02 -6.36
C SER A 43 -24.34 2.06 -4.45
C SER A 43 -19.63 8.03 -7.50
N THR A 44 -24.52 3.30 -4.94
N THR A 44 -20.40 9.11 -7.44
CA THR A 44 -25.85 3.76 -5.35
CA THR A 44 -20.37 10.14 -8.47
C THR A 44 -25.93 4.43 -6.73
C THR A 44 -20.78 9.60 -9.83
N GLY A 45 -27.13 4.36 -7.32
N GLY A 45 -19.84 8.97 -10.52
CA GLY A 45 -27.56 4.94 -8.59
CA GLY A 45 -20.09 8.40 -11.83
C GLY A 45 -26.61 4.94 -9.77
C GLY A 45 -21.58 8.25 -12.11
N ALA A 46 -26.35 6.14 -10.31
N ALA A 46 -22.09 7.04 -11.90
CA ALA A 46 -25.48 6.42 -11.47
CA ALA A 46 -23.50 6.76 -12.13
C ALA A 46 -25.80 5.54 -12.69
C ALA A 46 -23.73 6.08 -13.48
N HIS A 47 -24.80 5.32 -13.58
CA HIS A 47 -24.97 4.46 -14.80
C HIS A 47 -23.93 3.31 -14.80
N GLU A 48 -23.42 2.98 -13.61
CA GLU A 48 -22.38 1.97 -13.37
C GLU A 48 -22.89 0.77 -12.56
N ALA A 49 -22.06 -0.25 -12.42
CA ALA A 49 -22.38 -1.44 -11.63
C ALA A 49 -22.33 -1.07 -10.15
N LEU A 50 -23.26 -1.61 -9.36
CA LEU A 50 -23.39 -1.28 -7.95
C LEU A 50 -22.82 -2.32 -6.99
N GLU A 51 -21.89 -1.88 -6.11
CA GLU A 51 -21.26 -2.72 -5.07
C GLU A 51 -22.23 -2.88 -3.89
N LEU A 52 -22.12 -4.00 -3.18
CA LEU A 52 -22.95 -4.36 -2.03
C LEU A 52 -22.27 -4.03 -0.67
N ARG A 53 -22.77 -2.97 0.00
CA ARG A 53 -22.34 -2.57 1.36
C ARG A 53 -23.47 -2.95 2.35
N ASP A 54 -23.10 -3.28 3.59
CA ASP A 54 -24.01 -3.79 4.61
C ASP A 54 -25.06 -2.80 5.17
N GLY A 55 -24.67 -1.55 5.36
CA GLY A 55 -25.54 -0.54 5.96
C GLY A 55 -25.76 -0.72 7.45
N ASP A 56 -24.94 -1.59 8.09
CA ASP A 56 -24.95 -1.85 9.54
C ASP A 56 -23.98 -0.86 10.16
N LYS A 57 -24.54 0.15 10.84
CA LYS A 57 -23.80 1.25 11.44
C LYS A 57 -23.05 0.86 12.72
N SER A 58 -23.24 -0.37 13.22
CA SER A 58 -22.44 -0.85 14.36
C SER A 58 -21.10 -1.47 13.91
N ARG A 59 -20.89 -1.60 12.58
CA ARG A 59 -19.67 -2.15 11.97
C ARG A 59 -19.16 -1.23 10.90
N TYR A 60 -17.96 -0.66 11.08
CA TYR A 60 -17.28 0.19 10.10
C TYR A 60 -18.15 1.32 9.50
N ASN A 61 -19.09 1.87 10.30
CA ASN A 61 -20.00 2.95 9.93
C ASN A 61 -20.87 2.63 8.71
N GLY A 62 -21.35 1.39 8.64
CA GLY A 62 -22.19 0.89 7.55
C GLY A 62 -21.48 0.38 6.30
N LYS A 63 -20.14 0.54 6.25
CA LYS A 63 -19.28 0.17 5.10
C LYS A 63 -18.87 -1.33 5.04
N GLY A 64 -19.41 -2.16 5.92
CA GLY A 64 -19.16 -3.59 5.95
C GLY A 64 -19.49 -4.22 4.62
N VAL A 65 -18.95 -5.41 4.34
CA VAL A 65 -19.12 -6.07 3.04
C VAL A 65 -19.56 -7.55 3.19
N LEU A 66 -20.10 -7.91 4.38
CA LEU A 66 -20.58 -9.25 4.76
C LEU A 66 -21.69 -9.80 3.88
N LYS A 67 -22.49 -8.91 3.29
CA LYS A 67 -23.59 -9.32 2.39
C LYS A 67 -23.02 -9.83 1.11
N ALA A 68 -22.03 -9.11 0.54
CA ALA A 68 -21.31 -9.49 -0.69
C ALA A 68 -20.50 -10.78 -0.47
N VAL A 69 -19.98 -10.98 0.75
CA VAL A 69 -19.23 -12.18 1.14
C VAL A 69 -20.17 -13.38 1.16
N GLN A 70 -21.39 -13.18 1.64
CA GLN A 70 -22.40 -14.23 1.68
C GLN A 70 -22.88 -14.57 0.28
N ALA A 71 -23.03 -13.57 -0.63
CA ALA A 71 -23.48 -13.80 -2.01
C ALA A 71 -22.47 -14.68 -2.78
N VAL A 72 -21.21 -14.67 -2.32
CA VAL A 72 -20.12 -15.46 -2.91
C VAL A 72 -20.10 -16.85 -2.28
N ASN A 73 -20.00 -16.92 -0.94
CA ASN A 73 -19.95 -18.16 -0.15
C ASN A 73 -21.18 -19.04 -0.31
N GLU A 74 -22.31 -18.44 -0.67
CA GLU A 74 -23.56 -19.16 -0.84
C GLU A 74 -24.02 -19.21 -2.29
N ASP A 75 -24.59 -18.10 -2.79
CA ASP A 75 -25.18 -18.03 -4.14
C ASP A 75 -24.23 -18.34 -5.30
N ILE A 76 -23.05 -17.69 -5.35
CA ILE A 76 -22.10 -17.89 -6.46
C ILE A 76 -21.43 -19.28 -6.37
N ALA A 77 -20.97 -19.67 -5.18
CA ALA A 77 -20.35 -20.98 -4.95
C ALA A 77 -21.28 -22.13 -5.41
N GLU A 78 -22.54 -22.14 -4.95
CA GLU A 78 -23.54 -23.16 -5.31
C GLU A 78 -23.74 -23.21 -6.82
N ALA A 79 -23.82 -22.05 -7.48
CA ALA A 79 -24.03 -21.96 -8.92
C ALA A 79 -22.83 -22.31 -9.79
N LEU A 80 -21.59 -22.11 -9.26
CA LEU A 80 -20.36 -22.22 -10.03
C LEU A 80 -19.46 -23.37 -9.66
N ILE A 81 -19.77 -24.10 -8.59
CA ILE A 81 -18.95 -25.28 -8.30
C ILE A 81 -19.19 -26.27 -9.45
N GLY A 82 -18.09 -26.71 -10.06
CA GLY A 82 -18.13 -27.60 -11.20
C GLY A 82 -18.00 -26.92 -12.55
N PHE A 83 -18.10 -25.57 -12.59
CA PHE A 83 -17.95 -24.80 -13.82
C PHE A 83 -16.47 -24.77 -14.17
N ASP A 84 -16.15 -24.74 -15.47
CA ASP A 84 -14.76 -24.69 -15.91
C ASP A 84 -14.27 -23.23 -15.80
N ALA A 85 -13.29 -22.98 -14.94
CA ALA A 85 -12.74 -21.63 -14.72
C ALA A 85 -11.98 -21.07 -15.93
N ALA A 86 -11.43 -21.97 -16.81
CA ALA A 86 -10.72 -21.60 -18.06
C ALA A 86 -11.64 -20.93 -19.08
N ASP A 87 -12.98 -21.06 -18.92
CA ASP A 87 -13.93 -20.41 -19.82
C ASP A 87 -14.43 -19.12 -19.17
N GLN A 88 -13.62 -18.07 -19.31
CA GLN A 88 -13.85 -16.73 -18.75
C GLN A 88 -15.19 -16.12 -19.17
N ILE A 89 -15.46 -16.03 -20.48
CA ILE A 89 -16.68 -15.42 -21.02
C ILE A 89 -17.94 -16.10 -20.47
N ALA A 90 -18.03 -17.44 -20.61
CA ALA A 90 -19.14 -18.25 -20.11
C ALA A 90 -19.34 -18.07 -18.58
N LEU A 91 -18.24 -18.06 -17.79
CA LEU A 91 -18.29 -17.84 -16.34
C LEU A 91 -18.92 -16.49 -16.00
N ASP A 92 -18.50 -15.41 -16.69
CA ASP A 92 -19.01 -14.05 -16.50
C ASP A 92 -20.47 -13.95 -16.90
N GLN A 93 -20.87 -14.70 -17.95
CA GLN A 93 -22.26 -14.81 -18.42
C GLN A 93 -23.07 -15.53 -17.35
N GLU A 94 -22.47 -16.49 -16.65
CA GLU A 94 -23.10 -17.25 -15.57
C GLU A 94 -23.30 -16.34 -14.36
N LEU A 95 -22.30 -15.51 -14.01
CA LEU A 95 -22.39 -14.57 -12.90
C LEU A 95 -23.43 -13.49 -13.20
N ILE A 96 -23.40 -12.91 -14.42
CA ILE A 96 -24.36 -11.88 -14.88
C ILE A 96 -25.81 -12.40 -14.86
N ALA A 97 -26.03 -13.61 -15.38
CA ALA A 97 -27.34 -14.24 -15.38
C ALA A 97 -27.80 -14.58 -13.95
N LEU A 98 -26.92 -15.15 -13.11
CA LEU A 98 -27.27 -15.48 -11.72
C LEU A 98 -27.74 -14.23 -10.95
N ASP A 99 -27.15 -13.07 -11.26
CA ASP A 99 -27.52 -11.82 -10.63
C ASP A 99 -28.93 -11.40 -11.07
N GLY A 100 -29.15 -11.31 -12.39
CA GLY A 100 -30.42 -10.94 -13.01
C GLY A 100 -30.66 -9.45 -13.14
N THR A 101 -29.87 -8.60 -12.47
CA THR A 101 -30.07 -7.14 -12.57
C THR A 101 -29.11 -6.52 -13.59
N PRO A 102 -29.50 -5.44 -14.31
CA PRO A 102 -28.58 -4.85 -15.29
C PRO A 102 -27.38 -4.07 -14.71
N ASN A 103 -27.37 -3.82 -13.38
CA ASN A 103 -26.28 -3.08 -12.74
C ASN A 103 -25.60 -3.87 -11.61
N LYS A 104 -25.79 -5.21 -11.59
CA LYS A 104 -25.20 -6.13 -10.60
C LYS A 104 -25.57 -5.74 -9.14
N SER A 105 -26.79 -5.24 -8.95
CA SER A 105 -27.32 -4.78 -7.65
C SER A 105 -27.81 -5.89 -6.73
N LYS A 106 -28.15 -7.09 -7.23
CA LYS A 106 -28.62 -8.17 -6.35
C LYS A 106 -27.46 -8.86 -5.62
N LEU A 107 -26.44 -9.33 -6.38
CA LEU A 107 -25.29 -10.05 -5.82
C LEU A 107 -24.19 -9.10 -5.37
N GLY A 108 -24.09 -7.95 -6.06
CA GLY A 108 -23.08 -6.94 -5.83
C GLY A 108 -22.01 -7.02 -6.90
N ALA A 109 -21.65 -5.85 -7.50
CA ALA A 109 -20.61 -5.75 -8.53
C ALA A 109 -19.26 -6.24 -7.99
N ASN A 110 -19.01 -5.99 -6.68
CA ASN A 110 -17.83 -6.36 -5.91
C ASN A 110 -17.71 -7.91 -5.74
N ALA A 111 -18.85 -8.61 -5.52
CA ALA A 111 -18.89 -10.07 -5.43
C ALA A 111 -18.66 -10.68 -6.81
N ILE A 112 -19.25 -10.08 -7.86
CA ILE A 112 -19.12 -10.56 -9.24
C ILE A 112 -17.71 -10.36 -9.74
N LEU A 113 -17.13 -9.13 -9.56
CA LEU A 113 -15.76 -8.85 -9.97
C LEU A 113 -14.74 -9.73 -9.24
N GLY A 114 -14.94 -9.94 -7.94
CA GLY A 114 -14.07 -10.76 -7.10
C GLY A 114 -13.91 -12.17 -7.63
N VAL A 115 -15.05 -12.82 -7.96
CA VAL A 115 -15.11 -14.18 -8.52
C VAL A 115 -14.55 -14.19 -9.96
N SER A 116 -15.01 -13.26 -10.82
CA SER A 116 -14.57 -13.10 -12.21
C SER A 116 -13.04 -13.06 -12.34
N LEU A 117 -12.38 -12.30 -11.43
CA LEU A 117 -10.94 -12.07 -11.36
C LEU A 117 -10.19 -13.24 -10.72
N ALA A 118 -10.69 -13.74 -9.59
CA ALA A 118 -10.09 -14.87 -8.87
C ALA A 118 -10.11 -16.15 -9.72
N ALA A 119 -11.15 -16.34 -10.56
CA ALA A 119 -11.29 -17.50 -11.42
C ALA A 119 -10.24 -17.47 -12.54
N ALA A 120 -9.95 -16.28 -13.10
CA ALA A 120 -8.93 -16.05 -14.11
C ALA A 120 -7.53 -16.35 -13.54
N LYS A 121 -7.28 -15.95 -12.28
CA LYS A 121 -5.98 -16.17 -11.63
C LYS A 121 -5.75 -17.63 -11.29
N ALA A 122 -6.82 -18.32 -10.85
CA ALA A 122 -6.83 -19.74 -10.53
C ALA A 122 -6.47 -20.53 -11.80
N ALA A 123 -7.09 -20.15 -12.94
CA ALA A 123 -6.88 -20.74 -14.26
C ALA A 123 -5.47 -20.50 -14.82
N ALA A 124 -4.94 -19.25 -14.68
CA ALA A 124 -3.60 -18.88 -15.12
C ALA A 124 -2.60 -19.76 -14.39
N ALA A 125 -2.74 -19.89 -13.05
CA ALA A 125 -1.90 -20.73 -12.23
C ALA A 125 -1.98 -22.23 -12.68
N ALA A 126 -3.18 -22.67 -13.14
CA ALA A 126 -3.44 -24.02 -13.61
C ALA A 126 -2.67 -24.30 -14.91
N PHE A 127 -2.70 -23.35 -15.88
CA PHE A 127 -1.91 -23.46 -17.11
C PHE A 127 -0.44 -23.12 -16.86
N GLY A 128 -0.11 -22.67 -15.64
CA GLY A 128 1.25 -22.30 -15.23
C GLY A 128 1.75 -21.06 -15.96
N LEU A 129 0.81 -20.14 -16.30
CA LEU A 129 1.08 -18.91 -17.04
C LEU A 129 0.96 -17.67 -16.15
N PRO A 130 1.72 -16.59 -16.46
CA PRO A 130 1.47 -15.32 -15.75
C PRO A 130 0.13 -14.74 -16.26
N LEU A 131 -0.59 -13.99 -15.41
CA LEU A 131 -1.91 -13.45 -15.72
C LEU A 131 -2.00 -12.69 -17.06
N TYR A 132 -1.09 -11.74 -17.33
CA TYR A 132 -1.09 -10.98 -18.60
C TYR A 132 -1.05 -11.90 -19.82
N ARG A 133 -0.32 -13.01 -19.72
CA ARG A 133 -0.14 -13.98 -20.79
C ARG A 133 -1.42 -14.81 -20.97
N TYR A 134 -1.96 -15.32 -19.86
CA TYR A 134 -3.22 -16.06 -19.79
C TYR A 134 -4.39 -15.21 -20.33
N LEU A 135 -4.42 -13.91 -19.98
CA LEU A 135 -5.48 -13.03 -20.41
C LEU A 135 -5.40 -12.60 -21.86
N GLY A 136 -4.25 -12.11 -22.33
CA GLY A 136 -4.16 -11.53 -23.67
C GLY A 136 -3.44 -12.32 -24.75
N GLY A 137 -2.97 -13.50 -24.37
CA GLY A 137 -2.31 -14.39 -25.29
C GLY A 137 -0.87 -14.04 -25.61
N VAL A 138 -0.42 -14.64 -26.69
CA VAL A 138 0.93 -14.64 -27.25
C VAL A 138 1.50 -13.24 -27.63
N TYR A 139 0.64 -12.25 -27.93
CA TYR A 139 1.06 -10.92 -28.34
C TYR A 139 0.98 -9.86 -27.20
N ALA A 140 0.70 -10.32 -25.96
CA ALA A 140 0.65 -9.47 -24.77
C ALA A 140 2.10 -9.14 -24.40
N HIS A 141 2.60 -7.91 -24.74
CA HIS A 141 4.01 -7.54 -24.47
C HIS A 141 4.28 -6.05 -24.19
N VAL A 142 3.27 -5.19 -24.39
CA VAL A 142 3.42 -3.74 -24.29
C VAL A 142 3.28 -3.23 -22.86
N LEU A 143 4.38 -2.63 -22.38
CA LEU A 143 4.44 -1.99 -21.06
C LEU A 143 3.97 -0.57 -21.19
N PRO A 144 3.05 -0.16 -20.31
CA PRO A 144 2.42 1.15 -20.49
C PRO A 144 3.27 2.34 -20.06
N VAL A 145 2.92 3.54 -20.56
CA VAL A 145 3.52 4.79 -20.11
C VAL A 145 2.64 5.12 -18.90
N PRO A 146 3.21 5.25 -17.67
CA PRO A 146 2.34 5.58 -16.52
C PRO A 146 1.91 7.06 -16.44
N MET A 147 0.68 7.31 -15.93
CA MET A 147 0.17 8.68 -15.63
C MET A 147 0.44 8.83 -14.15
N MET A 148 1.54 9.49 -13.80
CA MET A 148 1.96 9.56 -12.39
C MET A 148 1.50 10.82 -11.71
N ASN A 149 0.60 10.65 -10.74
CA ASN A 149 0.05 11.71 -9.92
C ASN A 149 1.16 12.28 -9.05
N ILE A 150 1.43 13.57 -9.18
CA ILE A 150 2.49 14.18 -8.37
C ILE A 150 1.94 15.39 -7.60
N MET A 151 0.86 16.03 -8.11
CA MET A 151 0.21 17.18 -7.49
C MET A 151 -1.32 17.02 -7.41
N ASN A 152 -1.90 17.42 -6.26
CA ASN A 152 -3.35 17.34 -5.99
C ASN A 152 -3.97 18.71 -5.69
N GLY A 153 -5.23 18.87 -6.08
CA GLY A 153 -5.97 20.11 -5.88
C GLY A 153 -7.48 19.95 -5.82
N GLY A 154 -8.17 21.08 -5.81
CA GLY A 154 -9.63 21.17 -5.75
C GLY A 154 -10.19 20.63 -4.45
N GLN A 155 -10.89 19.51 -4.54
CA GLN A 155 -11.48 18.88 -3.37
C GLN A 155 -10.48 18.78 -2.23
N HIS A 156 -9.45 17.95 -2.42
CA HIS A 156 -8.42 17.76 -1.41
C HIS A 156 -7.62 19.04 -1.19
N ALA A 157 -8.23 20.18 -1.51
CA ALA A 157 -7.57 21.47 -1.34
C ALA A 157 -8.25 22.30 -0.27
N THR A 158 -7.52 22.53 0.83
CA THR A 158 -8.05 23.31 1.95
C THR A 158 -8.83 24.53 1.45
N ASN A 159 -8.38 25.11 0.35
CA ASN A 159 -9.02 26.28 -0.22
C ASN A 159 -8.31 26.79 -1.47
N SER A 160 -7.02 26.47 -1.58
CA SER A 160 -6.22 26.90 -2.71
C SER A 160 -6.31 25.91 -3.88
N THR A 161 -6.55 26.43 -5.08
CA THR A 161 -6.65 25.60 -6.26
C THR A 161 -8.10 25.17 -6.51
N ASP A 162 -8.41 24.81 -7.75
CA ASP A 162 -9.75 24.36 -8.11
C ASP A 162 -9.71 22.96 -8.72
N PHE A 163 -8.96 22.82 -9.81
CA PHE A 163 -8.83 21.54 -10.48
C PHE A 163 -8.58 20.42 -9.46
N GLN A 164 -8.43 19.19 -9.95
CA GLN A 164 -8.21 18.05 -9.08
C GLN A 164 -6.81 17.39 -9.14
N GLU A 165 -6.34 16.91 -10.31
CA GLU A 165 -5.05 16.21 -10.33
C GLU A 165 -4.21 16.52 -11.56
N PHE A 166 -2.91 16.67 -11.29
CA PHE A 166 -1.82 16.99 -12.21
C PHE A 166 -0.85 15.81 -12.22
N MET A 167 -0.66 15.21 -13.41
CA MET A 167 0.18 14.03 -13.56
C MET A 167 1.29 14.23 -14.57
N ILE A 168 2.36 13.48 -14.41
CA ILE A 168 3.46 13.46 -15.37
C ILE A 168 3.55 12.08 -16.02
N MET A 169 3.96 12.05 -17.30
CA MET A 169 4.08 10.80 -18.05
C MET A 169 5.48 10.73 -18.63
N PRO A 170 6.25 9.66 -18.36
CA PRO A 170 7.62 9.57 -18.92
C PRO A 170 7.67 8.95 -20.33
N VAL A 171 6.96 9.57 -21.29
CA VAL A 171 6.86 9.15 -22.70
C VAL A 171 8.20 8.81 -23.38
N GLY A 172 9.23 9.60 -23.11
CA GLY A 172 10.53 9.45 -23.76
C GLY A 172 11.44 8.35 -23.25
N ALA A 173 11.06 7.63 -22.18
CA ALA A 173 11.88 6.54 -21.66
C ALA A 173 11.97 5.34 -22.63
N GLU A 174 13.05 4.57 -22.52
CA GLU A 174 13.37 3.39 -23.34
C GLU A 174 12.75 2.10 -22.76
N SER A 175 12.32 2.14 -21.48
CA SER A 175 11.72 1.02 -20.77
C SER A 175 10.82 1.54 -19.66
N PHE A 176 9.98 0.67 -19.10
CA PHE A 176 9.11 1.02 -17.98
C PHE A 176 9.98 1.24 -16.71
N ARG A 177 11.06 0.46 -16.55
CA ARG A 177 12.01 0.56 -15.45
C ARG A 177 12.61 1.99 -15.39
N GLU A 178 13.06 2.52 -16.54
CA GLU A 178 13.62 3.86 -16.66
C GLU A 178 12.56 4.94 -16.42
N GLY A 179 11.39 4.81 -17.07
CA GLY A 179 10.29 5.74 -16.92
C GLY A 179 9.79 5.87 -15.49
N LEU A 180 9.74 4.74 -14.77
CA LEU A 180 9.33 4.74 -13.37
C LEU A 180 10.38 5.52 -12.55
N ARG A 181 11.70 5.31 -12.82
CA ARG A 181 12.77 6.02 -12.11
C ARG A 181 12.67 7.54 -12.37
N TRP A 182 12.47 7.93 -13.65
CA TRP A 182 12.31 9.32 -14.06
C TRP A 182 11.23 9.99 -13.25
N GLY A 183 10.03 9.41 -13.22
CA GLY A 183 8.89 9.91 -12.46
C GLY A 183 9.16 9.95 -10.96
N ALA A 184 9.89 8.95 -10.41
CA ALA A 184 10.25 8.86 -8.98
C ALA A 184 11.17 10.04 -8.61
N GLU A 185 12.22 10.24 -9.41
CA GLU A 185 13.19 11.33 -9.28
C GLU A 185 12.51 12.71 -9.34
N ILE A 186 11.53 12.90 -10.26
CA ILE A 186 10.77 14.17 -10.44
C ILE A 186 9.84 14.45 -9.24
N TYR A 187 9.12 13.41 -8.78
CA TYR A 187 8.21 13.45 -7.63
C TYR A 187 8.99 13.89 -6.40
N HIS A 188 10.18 13.28 -6.14
CA HIS A 188 11.08 13.63 -5.03
C HIS A 188 11.64 15.05 -5.17
N MET A 189 12.03 15.46 -6.40
CA MET A 189 12.51 16.81 -6.71
C MET A 189 11.40 17.83 -6.45
N LEU A 190 10.13 17.46 -6.72
CA LEU A 190 8.97 18.31 -6.43
C LEU A 190 8.73 18.40 -4.90
N LYS A 191 9.11 17.35 -4.14
CA LYS A 191 9.01 17.30 -2.67
C LYS A 191 10.01 18.30 -2.11
N LYS A 192 11.19 18.46 -2.77
CA LYS A 192 12.22 19.44 -2.41
C LYS A 192 11.72 20.85 -2.73
N VAL A 193 11.25 21.07 -3.98
CA VAL A 193 10.72 22.34 -4.48
C VAL A 193 9.58 22.89 -3.58
N ILE A 194 8.65 22.03 -3.13
CA ILE A 194 7.53 22.37 -2.28
C ILE A 194 7.98 22.78 -0.86
N HIS A 195 8.92 22.03 -0.22
CA HIS A 195 9.45 22.37 1.11
C HIS A 195 10.28 23.67 1.06
N ASP A 196 10.93 23.93 -0.08
CA ASP A 196 11.72 25.13 -0.35
C ASP A 196 10.78 26.26 -0.86
N ARG A 197 9.57 26.32 -0.27
CA ARG A 197 8.49 27.28 -0.51
C ARG A 197 7.62 27.49 0.75
N GLY A 198 7.83 26.62 1.76
CA GLY A 198 7.17 26.68 3.06
C GLY A 198 6.10 25.64 3.35
N PHE A 199 5.77 24.81 2.36
CA PHE A 199 4.75 23.78 2.52
C PHE A 199 5.35 22.51 3.14
N SER A 200 4.52 21.48 3.25
CA SER A 200 4.97 20.21 3.83
C SER A 200 4.86 19.08 2.81
N THR A 201 5.29 17.88 3.21
CA THR A 201 5.25 16.72 2.33
C THR A 201 4.06 15.81 2.66
N THR A 202 2.88 16.21 2.20
CA THR A 202 1.67 15.43 2.44
C THR A 202 1.47 14.37 1.37
N VAL A 203 0.37 13.62 1.48
CA VAL A 203 0.07 12.58 0.51
C VAL A 203 -1.34 12.02 0.75
N GLY A 204 -2.29 12.46 -0.05
CA GLY A 204 -3.66 12.01 0.06
C GLY A 204 -3.57 10.56 -0.37
N ASP A 205 -4.55 9.85 -0.56
CA ASP A 205 -4.49 8.46 -1.00
C ASP A 205 -3.73 7.88 -2.20
N GLU A 206 -3.21 8.76 -3.05
CA GLU A 206 -2.47 8.34 -4.23
C GLU A 206 -0.99 8.42 -3.84
N GLY A 207 -0.64 9.49 -3.13
CA GLY A 207 0.71 9.79 -2.67
C GLY A 207 1.10 11.22 -3.01
N GLY A 208 0.41 11.80 -3.99
CA GLY A 208 0.64 13.18 -4.44
C GLY A 208 0.50 14.24 -3.37
N PHE A 209 1.32 15.29 -3.48
CA PHE A 209 1.33 16.42 -2.56
C PHE A 209 0.14 17.33 -2.84
N ALA A 210 -0.56 17.76 -1.78
CA ALA A 210 -1.72 18.63 -1.90
C ALA A 210 -1.52 20.00 -1.21
N PRO A 211 -0.75 20.95 -1.80
CA PRO A 211 -0.58 22.25 -1.13
C PRO A 211 -1.66 23.28 -1.49
N SER A 212 -1.73 24.38 -0.72
CA SER A 212 -2.68 25.48 -0.96
C SER A 212 -1.98 26.51 -1.86
N LEU A 213 -2.26 26.44 -3.18
CA LEU A 213 -1.63 27.30 -4.19
C LEU A 213 -2.50 28.53 -4.56
N PRO A 214 -1.89 29.66 -5.04
CA PRO A 214 -2.69 30.85 -5.35
C PRO A 214 -3.33 30.93 -6.75
N THR A 215 -2.58 30.53 -7.80
CA THR A 215 -3.05 30.63 -9.21
C THR A 215 -3.22 29.25 -9.88
N ASN A 216 -4.10 29.17 -10.91
CA ASN A 216 -4.38 27.95 -11.68
C ASN A 216 -3.15 27.41 -12.44
N ASP A 217 -2.20 28.32 -12.78
CA ASP A 217 -0.94 28.02 -13.48
C ASP A 217 0.14 27.49 -12.54
N ALA A 218 0.15 27.96 -11.26
CA ALA A 218 1.13 27.59 -10.25
C ALA A 218 1.39 26.07 -10.16
N PRO A 219 0.38 25.14 -10.11
CA PRO A 219 0.72 23.71 -10.07
C PRO A 219 1.51 23.26 -11.30
N LEU A 220 1.16 23.77 -12.50
CA LEU A 220 1.85 23.46 -13.75
C LEU A 220 3.26 24.03 -13.79
N GLN A 221 3.47 25.20 -13.17
CA GLN A 221 4.78 25.86 -13.11
C GLN A 221 5.75 25.11 -12.20
N LEU A 222 5.29 24.75 -10.98
CA LEU A 222 6.03 23.99 -9.98
C LEU A 222 6.46 22.63 -10.57
N ILE A 223 5.59 22.02 -11.40
CA ILE A 223 5.85 20.77 -12.09
C ILE A 223 6.97 20.97 -13.12
N MET A 224 6.88 22.02 -13.97
CA MET A 224 7.91 22.34 -14.99
C MET A 224 9.29 22.51 -14.36
N GLU A 225 9.34 23.15 -13.17
CA GLU A 225 10.57 23.38 -12.43
C GLU A 225 11.09 22.05 -11.87
N ALA A 226 10.19 21.20 -11.32
CA ALA A 226 10.56 19.88 -10.78
C ALA A 226 11.10 18.95 -11.88
N ILE A 227 10.52 18.97 -13.10
CA ILE A 227 10.97 18.19 -14.27
C ILE A 227 12.39 18.65 -14.67
N GLU A 228 12.59 20.00 -14.76
CA GLU A 228 13.86 20.64 -15.15
C GLU A 228 14.97 20.43 -14.13
N LYS A 229 14.69 20.69 -12.85
CA LYS A 229 15.68 20.52 -11.78
C LYS A 229 16.08 19.06 -11.57
N ALA A 230 15.20 18.11 -11.96
CA ALA A 230 15.46 16.67 -11.87
C ALA A 230 16.43 16.25 -13.00
N GLY A 231 16.53 17.10 -14.03
CA GLY A 231 17.40 16.87 -15.18
C GLY A 231 16.68 16.29 -16.38
N TYR A 232 15.37 16.53 -16.47
CA TYR A 232 14.56 16.00 -17.56
C TYR A 232 14.01 17.10 -18.47
N ARG A 233 13.79 16.75 -19.76
CA ARG A 233 13.28 17.68 -20.76
C ARG A 233 11.78 17.60 -20.97
N PRO A 234 11.03 18.70 -20.70
CA PRO A 234 9.57 18.71 -20.99
C PRO A 234 9.28 18.55 -22.49
N GLY A 235 8.20 17.83 -22.81
CA GLY A 235 7.82 17.51 -24.17
C GLY A 235 8.50 16.25 -24.67
N GLU A 236 9.83 16.32 -24.87
CA GLU A 236 10.65 15.22 -25.38
C GLU A 236 10.76 14.02 -24.43
N GLN A 237 10.95 14.26 -23.12
CA GLN A 237 11.08 13.18 -22.15
C GLN A 237 9.85 13.02 -21.25
N ILE A 238 9.32 14.16 -20.74
CA ILE A 238 8.20 14.18 -19.80
C ILE A 238 7.05 15.04 -20.32
N VAL A 239 5.82 14.53 -20.20
CA VAL A 239 4.62 15.25 -20.61
C VAL A 239 3.63 15.33 -19.46
N ILE A 240 2.75 16.32 -19.52
CA ILE A 240 1.75 16.51 -18.48
C ILE A 240 0.40 15.93 -18.92
N ALA A 241 -0.22 15.17 -18.00
CA ALA A 241 -1.54 14.60 -18.15
C ALA A 241 -2.39 15.23 -17.03
N LEU A 242 -3.59 15.72 -17.34
CA LEU A 242 -4.44 16.37 -16.35
C LEU A 242 -5.79 15.72 -16.18
N ASP A 243 -6.31 15.73 -14.95
CA ASP A 243 -7.69 15.33 -14.64
C ASP A 243 -8.28 16.45 -13.78
N PRO A 244 -8.69 17.57 -14.42
CA PRO A 244 -9.33 18.66 -13.66
C PRO A 244 -10.64 18.25 -12.98
N ALA A 245 -11.31 17.16 -13.46
CA ALA A 245 -12.58 16.60 -12.95
C ALA A 245 -13.64 17.70 -12.83
N THR A 246 -13.82 18.46 -13.92
CA THR A 246 -14.68 19.65 -14.05
C THR A 246 -16.16 19.43 -13.67
N THR A 247 -16.54 18.18 -13.39
CA THR A 247 -17.89 17.81 -12.92
C THR A 247 -18.08 18.43 -11.52
N GLU A 248 -16.97 18.54 -10.76
CA GLU A 248 -16.91 19.06 -9.40
C GLU A 248 -17.10 20.57 -9.33
N ILE A 249 -16.82 21.26 -10.43
CA ILE A 249 -16.95 22.72 -10.47
C ILE A 249 -17.96 23.14 -11.53
N PHE A 250 -18.93 22.27 -11.81
CA PHE A 250 -19.96 22.54 -12.80
C PHE A 250 -21.35 22.47 -12.20
N ASP A 252 -24.43 25.54 -12.65
CA ASP A 252 -25.65 25.86 -13.37
C ASP A 252 -25.67 24.92 -14.57
N GLY A 253 -24.82 25.22 -15.55
CA GLY A 253 -23.95 26.36 -15.48
C GLY A 253 -22.96 26.37 -16.63
N LYS A 254 -21.80 26.99 -16.40
CA LYS A 254 -20.76 27.07 -17.42
C LYS A 254 -19.38 26.81 -16.82
N TYR A 255 -19.36 26.31 -15.59
CA TYR A 255 -18.10 26.01 -14.90
C TYR A 255 -17.93 27.18 -13.94
N HIS A 256 -17.20 26.96 -12.86
CA HIS A 256 -16.88 28.02 -11.90
C HIS A 256 -15.44 27.82 -11.39
N LEU A 257 -14.61 28.84 -11.61
CA LEU A 257 -13.21 28.86 -11.18
C LEU A 257 -13.03 29.80 -9.98
N LYS A 258 -13.18 29.25 -8.75
CA LYS A 258 -13.08 29.93 -7.46
C LYS A 258 -11.82 30.78 -7.24
N ARG A 259 -10.62 30.25 -7.56
CA ARG A 259 -9.35 30.99 -7.39
C ARG A 259 -8.99 31.85 -8.62
N GLU A 260 -9.80 31.81 -9.68
CA GLU A 260 -9.62 32.61 -10.90
C GLU A 260 -10.70 33.70 -11.11
N GLY A 261 -11.79 33.61 -10.33
CA GLY A 261 -12.92 34.53 -10.35
C GLY A 261 -13.66 34.63 -11.66
N ARG A 262 -13.74 33.50 -12.39
CA ARG A 262 -14.39 33.41 -13.70
C ARG A 262 -15.45 32.29 -13.73
N SER A 263 -16.22 32.23 -14.85
CA SER A 263 -17.25 31.20 -15.13
C SER A 263 -17.18 30.83 -16.63
N LEU A 264 -17.90 31.60 -17.49
CA LEU A 264 -18.00 31.53 -18.96
C LEU A 264 -18.87 30.35 -19.45
N SER A 265 -18.85 30.03 -20.69
CA SER A 265 -19.57 29.00 -21.46
C SER A 265 -18.67 27.75 -21.59
N SER A 266 -19.29 26.60 -21.93
CA SER A 266 -18.57 25.35 -22.19
C SER A 266 -17.58 25.60 -23.34
N ALA A 267 -17.99 26.41 -24.35
CA ALA A 267 -17.21 26.82 -25.51
C ALA A 267 -16.01 27.66 -25.10
N GLU A 268 -16.16 28.47 -24.03
CA GLU A 268 -15.12 29.31 -23.46
C GLU A 268 -14.19 28.45 -22.59
N MET A 269 -14.78 27.44 -21.89
CA MET A 269 -14.08 26.46 -21.04
C MET A 269 -13.18 25.60 -21.95
N VAL A 270 -13.62 25.35 -23.21
CA VAL A 270 -12.85 24.66 -24.25
C VAL A 270 -11.65 25.57 -24.58
N ASP A 271 -11.90 26.87 -24.83
CA ASP A 271 -10.90 27.90 -25.15
C ASP A 271 -9.83 28.04 -24.07
N TYR A 272 -10.21 27.81 -22.80
CA TYR A 272 -9.32 27.82 -21.63
C TYR A 272 -8.29 26.67 -21.79
N TRP A 273 -8.77 25.45 -22.17
CA TRP A 273 -7.94 24.26 -22.41
C TRP A 273 -7.10 24.42 -23.66
N VAL A 274 -7.62 25.11 -24.69
CA VAL A 274 -6.90 25.36 -25.96
C VAL A 274 -5.67 26.23 -25.68
N ASP A 275 -5.84 27.27 -24.85
CA ASP A 275 -4.76 28.17 -24.49
C ASP A 275 -3.71 27.51 -23.60
N LEU A 276 -4.14 26.81 -22.53
CA LEU A 276 -3.25 26.11 -21.59
C LEU A 276 -2.38 25.06 -22.26
N VAL A 277 -2.96 24.30 -23.21
CA VAL A 277 -2.29 23.28 -24.00
C VAL A 277 -1.16 23.89 -24.86
N ASN A 278 -1.30 25.19 -25.26
CA ASN A 278 -0.30 25.93 -26.04
C ASN A 278 0.84 26.44 -25.16
N ARG A 279 0.61 26.52 -23.84
CA ARG A 279 1.58 27.02 -22.86
C ARG A 279 2.39 25.95 -22.12
N TYR A 280 1.84 24.73 -21.98
CA TYR A 280 2.51 23.63 -21.26
C TYR A 280 2.48 22.34 -22.07
N PRO A 281 3.44 21.39 -21.87
CA PRO A 281 3.42 20.14 -22.63
C PRO A 281 2.35 19.13 -22.15
N ILE A 282 1.08 19.52 -22.30
CA ILE A 282 -0.07 18.71 -21.94
C ILE A 282 -0.41 17.80 -23.12
N ILE A 283 -0.29 16.48 -22.93
CA ILE A 283 -0.57 15.49 -23.95
C ILE A 283 -1.99 14.93 -23.81
N SER A 284 -2.51 14.94 -22.57
CA SER A 284 -3.79 14.34 -22.24
C SER A 284 -4.55 15.20 -21.23
N LEU A 285 -5.88 15.20 -21.35
CA LEU A 285 -6.82 15.94 -20.49
C LEU A 285 -8.06 15.05 -20.25
N GLU A 286 -8.34 14.75 -18.97
CA GLU A 286 -9.42 13.87 -18.53
C GLU A 286 -10.50 14.69 -17.85
N ASP A 287 -11.76 14.51 -18.31
CA ASP A 287 -12.93 15.22 -17.82
C ASP A 287 -12.71 16.75 -17.86
N GLY A 288 -12.33 17.25 -19.04
CA GLY A 288 -12.13 18.66 -19.31
C GLY A 288 -13.45 19.42 -19.24
N LEU A 289 -14.54 18.69 -19.51
CA LEU A 289 -15.94 19.11 -19.40
C LEU A 289 -16.71 18.07 -18.55
N ALA A 290 -17.83 18.50 -17.93
CA ALA A 290 -18.65 17.73 -17.01
C ALA A 290 -19.28 16.45 -17.57
N GLU A 291 -19.83 15.63 -16.64
CA GLU A 291 -20.49 14.32 -16.77
C GLU A 291 -21.40 14.17 -18.00
N ASP A 292 -22.33 15.13 -18.18
CA ASP A 292 -23.32 15.03 -19.26
C ASP A 292 -23.27 16.18 -20.27
N ASP A 293 -22.18 16.96 -20.29
CA ASP A 293 -22.00 18.02 -21.29
C ASP A 293 -21.54 17.40 -22.62
N TRP A 294 -22.43 16.60 -23.25
CA TRP A 294 -22.19 15.91 -24.52
C TRP A 294 -21.92 16.86 -25.68
N GLU A 295 -22.49 18.08 -25.62
CA GLU A 295 -22.34 19.11 -26.66
C GLU A 295 -20.94 19.70 -26.55
N GLY A 296 -20.53 20.00 -25.31
CA GLY A 296 -19.20 20.55 -25.02
C GLY A 296 -18.10 19.59 -25.42
N TRP A 297 -18.24 18.30 -25.02
CA TRP A 297 -17.28 17.21 -25.31
C TRP A 297 -17.00 17.08 -26.80
N ALA A 298 -18.07 17.09 -27.63
CA ALA A 298 -18.01 16.99 -29.09
C ALA A 298 -17.21 18.14 -29.70
N LEU A 299 -17.34 19.35 -29.11
CA LEU A 299 -16.67 20.57 -29.52
C LEU A 299 -15.21 20.53 -29.10
N LEU A 300 -14.94 20.08 -27.84
CA LEU A 300 -13.58 19.93 -27.31
C LEU A 300 -12.76 19.01 -28.22
N ARG A 301 -13.38 17.91 -28.74
CA ARG A 301 -12.70 17.02 -29.68
C ARG A 301 -12.31 17.75 -30.96
N ALA A 302 -13.26 18.51 -31.56
CA ALA A 302 -13.04 19.27 -32.79
C ALA A 302 -11.87 20.25 -32.71
N LYS A 303 -11.69 20.90 -31.55
CA LYS A 303 -10.63 21.89 -31.34
C LYS A 303 -9.27 21.32 -30.87
N LEU A 304 -9.22 20.16 -30.14
CA LEU A 304 -7.97 19.61 -29.60
C LEU A 304 -7.63 18.14 -29.91
N GLY A 305 -8.65 17.35 -30.22
CA GLY A 305 -8.54 15.91 -30.52
C GLY A 305 -7.51 15.43 -31.53
N ASP A 306 -6.85 16.36 -32.22
CA ASP A 306 -5.82 16.05 -33.23
C ASP A 306 -4.40 16.12 -32.63
N ARG A 307 -4.28 16.72 -31.42
CA ARG A 307 -2.99 16.93 -30.76
C ARG A 307 -3.01 16.71 -29.22
N VAL A 308 -4.20 16.40 -28.65
CA VAL A 308 -4.41 16.16 -27.21
C VAL A 308 -5.35 14.93 -27.03
N GLN A 309 -5.00 14.05 -26.07
CA GLN A 309 -5.80 12.89 -25.69
C GLN A 309 -6.90 13.39 -24.75
N LEU A 310 -8.14 13.07 -25.07
CA LEU A 310 -9.30 13.52 -24.30
C LEU A 310 -9.94 12.29 -23.71
N VAL A 311 -9.71 12.11 -22.40
CA VAL A 311 -10.10 10.94 -21.62
C VAL A 311 -11.41 11.15 -20.91
N GLY A 312 -12.36 10.27 -21.21
CA GLY A 312 -13.64 10.24 -20.52
C GLY A 312 -13.56 9.31 -19.32
N ASP A 313 -13.87 9.85 -18.12
CA ASP A 313 -13.92 9.11 -16.85
C ASP A 313 -15.38 9.13 -16.39
N ASP A 314 -15.80 10.17 -15.63
CA ASP A 314 -17.19 10.31 -15.16
C ASP A 314 -18.16 10.45 -16.34
N PHE A 315 -17.63 10.95 -17.47
CA PHE A 315 -18.31 11.12 -18.73
C PHE A 315 -18.72 9.80 -19.37
N LEU A 316 -17.87 8.75 -19.24
CA LEU A 316 -18.13 7.46 -19.89
C LEU A 316 -18.43 6.34 -18.93
N VAL A 317 -17.98 6.46 -17.66
CA VAL A 317 -18.16 5.60 -16.49
C VAL A 317 -18.08 4.07 -16.84
N THR A 318 -17.08 3.70 -17.67
CA THR A 318 -16.79 2.32 -18.17
C THR A 318 -18.10 1.63 -18.69
N ASN A 319 -19.01 2.45 -19.24
CA ASN A 319 -20.31 2.07 -19.79
C ASN A 319 -20.19 1.93 -21.30
N VAL A 320 -20.41 0.69 -21.82
CA VAL A 320 -20.30 0.35 -23.25
C VAL A 320 -21.36 1.07 -24.14
N GLN A 321 -22.55 1.38 -23.57
CA GLN A 321 -23.62 2.12 -24.26
C GLN A 321 -23.20 3.59 -24.43
N ARG A 322 -22.65 4.20 -23.36
CA ARG A 322 -22.15 5.58 -23.35
C ARG A 322 -20.94 5.72 -24.28
N LEU A 323 -20.05 4.69 -24.29
CA LEU A 323 -18.85 4.64 -25.11
C LEU A 323 -19.23 4.56 -26.58
N GLN A 324 -20.17 3.66 -26.95
CA GLN A 324 -20.65 3.51 -28.32
C GLN A 324 -21.27 4.83 -28.80
N ARG A 325 -21.96 5.56 -27.89
CA ARG A 325 -22.53 6.87 -28.15
C ARG A 325 -21.43 7.89 -28.41
N ALA A 326 -20.42 7.98 -27.52
CA ALA A 326 -19.30 8.90 -27.65
C ALA A 326 -18.42 8.64 -28.87
N ILE A 327 -18.27 7.37 -29.29
CA ILE A 327 -17.50 6.97 -30.49
C ILE A 327 -18.14 7.61 -31.73
N GLU A 328 -19.47 7.45 -31.88
CA GLU A 328 -20.29 7.98 -32.98
C GLU A 328 -20.33 9.51 -32.92
N ALA A 329 -20.73 10.05 -31.75
CA ALA A 329 -20.85 11.48 -31.51
C ALA A 329 -19.55 12.26 -31.62
N LYS A 330 -18.38 11.55 -31.74
CA LYS A 330 -17.02 12.12 -31.80
C LYS A 330 -16.74 12.96 -30.53
N ALA A 331 -17.23 12.48 -29.37
CA ALA A 331 -17.18 13.20 -28.09
C ALA A 331 -15.82 13.21 -27.36
N ALA A 332 -15.00 12.18 -27.55
CA ALA A 332 -13.67 12.04 -26.93
C ALA A 332 -12.83 11.16 -27.83
N ASN A 333 -11.63 10.77 -27.40
CA ASN A 333 -10.78 9.89 -28.19
C ASN A 333 -10.09 8.86 -27.29
N SER A 334 -10.46 8.84 -26.00
CA SER A 334 -9.86 7.99 -25.00
C SER A 334 -10.85 7.75 -23.88
N ILE A 335 -10.74 6.59 -23.21
CA ILE A 335 -11.62 6.25 -22.11
C ILE A 335 -10.82 5.71 -20.91
N LEU A 336 -11.21 6.15 -19.70
CA LEU A 336 -10.63 5.66 -18.46
C LEU A 336 -11.36 4.38 -18.08
N ILE A 337 -10.62 3.27 -17.99
CA ILE A 337 -11.17 1.94 -17.73
C ILE A 337 -11.05 1.50 -16.24
N LYS A 338 -12.21 1.47 -15.56
CA LYS A 338 -12.38 1.05 -14.17
C LYS A 338 -13.17 -0.26 -14.13
N LEU A 339 -12.42 -1.34 -13.96
CA LEU A 339 -12.80 -2.74 -13.84
C LEU A 339 -14.06 -2.90 -12.96
N ASN A 340 -14.08 -2.26 -11.79
CA ASN A 340 -15.18 -2.37 -10.84
C ASN A 340 -16.43 -1.48 -11.18
N GLN A 341 -16.29 -0.51 -12.10
CA GLN A 341 -17.44 0.30 -12.57
C GLN A 341 -18.32 -0.54 -13.50
N ILE A 342 -17.71 -1.51 -14.21
CA ILE A 342 -18.44 -2.39 -15.13
C ILE A 342 -18.77 -3.75 -14.41
N GLY A 343 -17.91 -4.20 -13.50
CA GLY A 343 -18.22 -5.37 -12.67
C GLY A 343 -17.75 -6.73 -13.07
N SER A 344 -17.22 -6.91 -14.29
CA SER A 344 -16.68 -8.22 -14.70
C SER A 344 -15.48 -8.05 -15.59
N LEU A 345 -14.66 -9.11 -15.67
CA LEU A 345 -13.47 -9.11 -16.50
C LEU A 345 -13.80 -9.12 -17.99
N THR A 346 -14.74 -9.99 -18.43
CA THR A 346 -15.20 -10.08 -19.83
C THR A 346 -15.71 -8.74 -20.36
N GLU A 347 -16.52 -8.05 -19.53
CA GLU A 347 -17.10 -6.76 -19.91
C GLU A 347 -16.07 -5.66 -19.96
N THR A 348 -15.02 -5.74 -19.11
CA THR A 348 -13.89 -4.81 -19.10
C THR A 348 -13.10 -4.97 -20.38
N LEU A 349 -12.84 -6.24 -20.77
CA LEU A 349 -12.14 -6.58 -22.01
C LEU A 349 -12.91 -6.10 -23.25
N SER A 350 -14.25 -6.17 -23.19
CA SER A 350 -15.17 -5.74 -24.23
C SER A 350 -15.12 -4.21 -24.43
N ALA A 351 -15.11 -3.45 -23.31
CA ALA A 351 -15.02 -1.98 -23.32
C ALA A 351 -13.66 -1.53 -23.83
N ILE A 352 -12.57 -2.21 -23.41
CA ILE A 352 -11.21 -1.90 -23.87
C ILE A 352 -11.14 -2.10 -25.40
N GLN A 353 -11.62 -3.26 -25.89
CA GLN A 353 -11.63 -3.61 -27.31
C GLN A 353 -12.47 -2.65 -28.17
N LEU A 354 -13.69 -2.28 -27.71
CA LEU A 354 -14.57 -1.35 -28.42
C LEU A 354 -13.91 0.01 -28.65
N ALA A 355 -13.16 0.52 -27.66
CA ALA A 355 -12.45 1.78 -27.77
C ALA A 355 -11.22 1.63 -28.69
N GLN A 356 -10.39 0.59 -28.47
CA GLN A 356 -9.17 0.27 -29.23
C GLN A 356 -9.43 0.18 -30.72
N ARG A 357 -10.34 -0.74 -31.14
CA ARG A 357 -10.84 -0.85 -32.51
C ARG A 357 -11.71 0.39 -32.52
N SER A 358 -11.66 1.21 -33.54
CA SER A 358 -12.36 2.51 -33.60
C SER A 358 -11.40 3.67 -33.21
N GLY A 359 -10.13 3.33 -33.03
CA GLY A 359 -9.01 4.24 -32.87
C GLY A 359 -8.82 5.01 -31.58
N TRP A 360 -9.61 4.70 -30.52
CA TRP A 360 -9.44 5.36 -29.22
C TRP A 360 -8.34 4.61 -28.40
N THR A 361 -7.88 5.24 -27.29
CA THR A 361 -6.94 4.60 -26.35
C THR A 361 -7.73 4.21 -25.11
N ALA A 362 -7.42 3.05 -24.54
CA ALA A 362 -8.05 2.60 -23.31
C ALA A 362 -7.00 2.80 -22.21
N VAL A 363 -7.34 3.65 -21.21
CA VAL A 363 -6.46 3.97 -20.08
C VAL A 363 -6.92 3.19 -18.83
N VAL A 364 -6.17 2.14 -18.45
CA VAL A 364 -6.51 1.32 -17.28
C VAL A 364 -6.22 2.12 -16.00
N SER A 365 -7.24 2.23 -15.13
CA SER A 365 -7.09 2.98 -13.91
C SER A 365 -7.32 2.19 -12.63
N HIS A 366 -6.70 2.68 -11.55
CA HIS A 366 -6.85 2.19 -10.19
C HIS A 366 -8.02 2.98 -9.58
N ARG A 367 -8.40 2.67 -8.34
CA ARG A 367 -9.42 3.39 -7.60
C ARG A 367 -8.83 3.99 -6.33
N SER A 368 -9.48 5.03 -5.74
CA SER A 368 -9.01 5.74 -4.53
C SER A 368 -8.61 4.79 -3.39
N GLY A 369 -9.46 3.81 -3.14
CA GLY A 369 -9.23 2.75 -2.17
C GLY A 369 -8.75 1.52 -2.92
N GLU A 370 -7.43 1.39 -3.06
CA GLU A 370 -6.82 0.25 -3.71
C GLU A 370 -6.48 -0.84 -2.68
N SER A 371 -5.62 -1.79 -3.08
CA SER A 371 -5.16 -2.89 -2.23
C SER A 371 -3.82 -3.41 -2.76
N GLU A 372 -3.36 -4.52 -2.16
CA GLU A 372 -2.16 -5.26 -2.56
C GLU A 372 -2.41 -5.96 -3.91
N ASP A 373 -3.70 -6.13 -4.32
CA ASP A 373 -4.09 -6.72 -5.62
C ASP A 373 -3.52 -5.88 -6.77
N VAL A 374 -2.81 -6.54 -7.72
CA VAL A 374 -2.09 -5.95 -8.88
C VAL A 374 -2.64 -6.41 -10.27
N THR A 375 -3.92 -6.80 -10.36
CA THR A 375 -4.58 -7.26 -11.60
C THR A 375 -4.44 -6.30 -12.79
N ILE A 376 -4.58 -4.98 -12.54
CA ILE A 376 -4.56 -3.92 -13.55
C ILE A 376 -3.20 -3.82 -14.22
N ALA A 377 -2.11 -4.22 -13.53
CA ALA A 377 -0.78 -4.26 -14.12
C ALA A 377 -0.78 -5.36 -15.21
N ASP A 378 -1.36 -6.54 -14.91
CA ASP A 378 -1.45 -7.63 -15.87
C ASP A 378 -2.47 -7.36 -16.94
N LEU A 379 -3.55 -6.61 -16.60
CA LEU A 379 -4.59 -6.27 -17.56
C LEU A 379 -4.10 -5.27 -18.59
N VAL A 380 -3.26 -4.32 -18.21
CA VAL A 380 -2.77 -3.28 -19.13
C VAL A 380 -1.82 -3.88 -20.18
N VAL A 381 -1.01 -4.88 -19.78
CA VAL A 381 -0.06 -5.60 -20.64
C VAL A 381 -0.83 -6.60 -21.55
N ALA A 382 -1.80 -7.37 -20.95
CA ALA A 382 -2.64 -8.35 -21.65
C ALA A 382 -3.36 -7.74 -22.85
N THR A 383 -3.84 -6.49 -22.70
CA THR A 383 -4.55 -5.77 -23.75
C THR A 383 -3.69 -4.75 -24.51
N ASN A 384 -2.33 -4.72 -24.22
CA ASN A 384 -1.38 -3.78 -24.85
C ASN A 384 -1.91 -2.36 -24.85
N ALA A 385 -2.66 -1.98 -23.81
CA ALA A 385 -3.33 -0.68 -23.67
C ALA A 385 -2.41 0.52 -23.91
N GLY A 386 -1.17 0.44 -23.42
CA GLY A 386 -0.14 1.44 -23.64
C GLY A 386 -0.05 2.52 -22.58
N GLN A 387 -1.07 2.60 -21.72
CA GLN A 387 -1.16 3.60 -20.67
C GLN A 387 -1.85 3.05 -19.43
N ILE A 388 -1.36 3.47 -18.27
CA ILE A 388 -1.94 3.11 -16.97
C ILE A 388 -2.05 4.38 -16.11
N LYS A 389 -3.04 4.43 -15.23
CA LYS A 389 -3.23 5.50 -14.28
C LYS A 389 -3.23 4.84 -12.87
N THR A 390 -2.06 4.71 -12.25
CA THR A 390 -1.98 4.11 -10.92
C THR A 390 -1.46 5.04 -9.82
N GLY A 391 -1.45 6.35 -10.06
CA GLY A 391 -1.07 7.34 -9.05
C GLY A 391 0.41 7.59 -8.79
N ALA A 392 0.69 8.33 -7.71
CA ALA A 392 2.04 8.72 -7.32
C ALA A 392 2.94 7.54 -7.05
N PRO A 393 4.28 7.65 -7.29
CA PRO A 393 5.16 6.53 -6.91
C PRO A 393 5.45 6.59 -5.39
N ALA A 394 4.41 6.41 -4.54
CA ALA A 394 4.52 6.51 -3.08
C ALA A 394 3.84 5.35 -2.31
N ARG A 395 2.53 5.40 -2.00
CA ARG A 395 1.86 4.33 -1.20
C ARG A 395 1.98 2.93 -1.84
N THR A 396 2.14 1.84 -1.05
CA THR A 396 2.30 0.49 -1.63
C THR A 396 1.05 0.07 -2.49
N ASP A 397 -0.13 0.65 -2.23
CA ASP A 397 -1.35 0.43 -3.04
C ASP A 397 -1.05 0.81 -4.47
N ARG A 398 -0.20 1.82 -4.66
CA ARG A 398 0.21 2.36 -5.98
C ARG A 398 1.45 1.56 -6.43
N ILE A 399 2.52 1.59 -5.63
CA ILE A 399 3.85 1.03 -5.88
C ILE A 399 3.79 -0.46 -6.24
N ALA A 400 2.88 -1.23 -5.59
CA ALA A 400 2.68 -2.66 -5.88
C ALA A 400 2.43 -2.89 -7.38
N LYS A 401 1.60 -2.02 -7.99
CA LYS A 401 1.30 -2.06 -9.42
C LYS A 401 2.51 -1.74 -10.26
N TYR A 402 3.35 -0.76 -9.83
CA TYR A 402 4.60 -0.43 -10.52
C TYR A 402 5.57 -1.60 -10.42
N ASN A 403 5.63 -2.23 -9.25
CA ASN A 403 6.45 -3.40 -9.01
C ASN A 403 6.02 -4.57 -9.85
N GLN A 404 4.69 -4.79 -10.01
CA GLN A 404 4.22 -5.87 -10.89
C GLN A 404 4.67 -5.63 -12.34
N LEU A 405 4.56 -4.37 -12.84
CA LEU A 405 5.00 -3.96 -14.19
C LEU A 405 6.51 -4.17 -14.36
N LEU A 406 7.30 -3.98 -13.31
CA LEU A 406 8.75 -4.26 -13.36
C LEU A 406 8.96 -5.75 -13.57
N ARG A 407 8.27 -6.60 -12.76
CA ARG A 407 8.31 -8.08 -12.88
C ARG A 407 7.83 -8.57 -14.24
N ILE A 408 6.79 -7.93 -14.81
CA ILE A 408 6.30 -8.30 -16.13
C ILE A 408 7.33 -8.00 -17.20
N GLU A 409 7.92 -6.79 -17.18
CA GLU A 409 8.94 -6.34 -18.15
C GLU A 409 10.18 -7.25 -18.12
N GLU A 410 10.67 -7.60 -16.92
CA GLU A 410 11.80 -8.51 -16.73
C GLU A 410 11.50 -9.88 -17.32
N GLU A 411 10.33 -10.47 -16.97
CA GLU A 411 9.86 -11.79 -17.39
C GLU A 411 9.71 -11.92 -18.88
N LEU A 412 9.26 -10.84 -19.56
CA LEU A 412 9.12 -10.80 -21.01
C LEU A 412 10.48 -10.77 -21.71
N GLY A 413 11.50 -10.23 -21.04
CA GLY A 413 12.85 -10.11 -21.59
C GLY A 413 12.86 -9.35 -22.91
N SER A 414 13.46 -9.94 -23.96
CA SER A 414 13.59 -9.38 -25.31
C SER A 414 12.26 -9.08 -25.99
N ALA A 415 11.16 -9.71 -25.52
CA ALA A 415 9.82 -9.55 -26.07
C ALA A 415 9.14 -8.27 -25.60
N ALA A 416 9.55 -7.75 -24.42
CA ALA A 416 9.01 -6.53 -23.80
C ALA A 416 9.24 -5.28 -24.64
N ARG A 417 8.20 -4.47 -24.76
CA ARG A 417 8.26 -3.22 -25.49
C ARG A 417 7.50 -2.18 -24.69
N TYR A 418 8.19 -1.08 -24.32
CA TYR A 418 7.60 0.05 -23.62
C TYR A 418 6.84 0.86 -24.68
N ALA A 419 5.58 1.26 -24.37
CA ALA A 419 4.72 2.00 -25.31
C ALA A 419 5.36 3.28 -25.84
N GLY A 420 5.97 4.09 -24.96
CA GLY A 420 6.60 5.34 -25.34
C GLY A 420 5.62 6.30 -25.99
N ARG A 421 6.05 6.99 -27.04
CA ARG A 421 5.20 7.98 -27.76
C ARG A 421 4.13 7.30 -28.62
N SER A 422 4.32 6.00 -28.94
CA SER A 422 3.43 5.16 -29.73
C SER A 422 2.09 4.89 -29.03
N ALA A 423 2.05 5.13 -27.71
CA ALA A 423 0.85 5.01 -26.90
C ALA A 423 -0.15 6.08 -27.29
N PHE A 424 0.35 7.20 -27.85
CA PHE A 424 -0.44 8.36 -28.21
C PHE A 424 -0.76 8.53 -29.68
N LYS A 425 -1.82 9.35 -29.94
CA LYS A 425 -2.35 9.79 -31.22
C LYS A 425 -2.30 11.35 -31.22
N VAL A 426 -1.06 11.90 -31.16
CA VAL A 426 -0.76 13.33 -31.12
C VAL A 426 -0.18 13.83 -32.47
N SER B 2 14.59 -31.94 -4.33
CA SER B 2 13.21 -31.43 -4.33
C SER B 2 13.08 -30.08 -3.60
N THR B 3 13.61 -29.94 -2.35
CA THR B 3 13.64 -28.66 -1.62
C THR B 3 15.02 -27.99 -1.75
N LEU B 4 15.88 -28.60 -2.57
CA LEU B 4 17.22 -28.14 -2.93
C LEU B 4 17.08 -26.92 -3.83
N ILE B 5 17.86 -25.86 -3.59
CA ILE B 5 17.83 -24.63 -4.40
C ILE B 5 18.35 -24.88 -5.84
N GLU B 6 17.59 -24.43 -6.83
CA GLU B 6 17.86 -24.53 -8.26
C GLU B 6 18.34 -23.16 -8.85
N ALA B 7 17.79 -22.05 -8.33
CA ALA B 7 18.10 -20.70 -8.79
C ALA B 7 17.73 -19.68 -7.73
N ILE B 8 18.53 -18.63 -7.62
CA ILE B 8 18.32 -17.48 -6.73
C ILE B 8 18.47 -16.23 -7.62
N VAL B 9 17.37 -15.49 -7.77
CA VAL B 9 17.26 -14.28 -8.59
C VAL B 9 16.78 -13.09 -7.73
N ALA B 10 17.42 -11.91 -7.90
CA ALA B 10 17.06 -10.64 -7.25
C ALA B 10 16.83 -9.56 -8.30
N ARG B 11 16.01 -8.56 -7.97
CA ARG B 11 15.68 -7.41 -8.79
C ARG B 11 15.53 -6.22 -7.91
N GLU B 12 15.56 -5.03 -8.50
CA GLU B 12 15.33 -3.78 -7.80
C GLU B 12 13.90 -3.36 -8.08
N VAL B 13 13.14 -3.19 -7.01
CA VAL B 13 11.74 -2.77 -6.99
C VAL B 13 11.67 -1.49 -6.12
N LEU B 14 10.49 -0.92 -5.92
CA LEU B 14 10.32 0.25 -5.06
C LEU B 14 9.62 -0.06 -3.75
N ASP B 15 10.02 0.65 -2.69
CA ASP B 15 9.39 0.49 -1.40
C ASP B 15 8.21 1.47 -1.28
N SER B 16 7.58 1.56 -0.11
CA SER B 16 6.43 2.41 0.10
C SER B 16 6.71 3.93 0.07
N ARG B 17 7.99 4.35 -0.05
CA ARG B 17 8.40 5.76 -0.08
C ARG B 17 8.83 6.17 -1.50
N GLY B 18 8.88 5.17 -2.39
CA GLY B 18 9.31 5.32 -3.78
C GLY B 18 10.80 5.11 -3.89
N ASN B 19 11.39 4.61 -2.80
CA ASN B 19 12.83 4.40 -2.76
C ASN B 19 13.17 3.00 -3.23
N PRO B 20 14.28 2.76 -3.95
CA PRO B 20 14.56 1.39 -4.39
C PRO B 20 14.79 0.42 -3.25
N THR B 21 14.41 -0.83 -3.48
CA THR B 21 14.63 -1.91 -2.56
C THR B 21 14.75 -3.25 -3.33
N ILE B 22 15.31 -4.25 -2.65
CA ILE B 22 15.56 -5.56 -3.22
C ILE B 22 14.38 -6.55 -2.99
N GLU B 23 14.06 -7.31 -4.02
CA GLU B 23 13.13 -8.40 -4.00
C GLU B 23 13.93 -9.60 -4.44
N VAL B 24 13.82 -10.71 -3.70
CA VAL B 24 14.56 -11.94 -4.00
C VAL B 24 13.53 -13.05 -4.23
N ASP B 25 13.76 -13.83 -5.30
CA ASP B 25 13.01 -15.01 -5.67
C ASP B 25 14.00 -16.18 -5.57
N VAL B 26 13.66 -17.20 -4.76
CA VAL B 26 14.42 -18.45 -4.59
C VAL B 26 13.52 -19.55 -5.18
N ARG B 27 14.04 -20.26 -6.21
CA ARG B 27 13.35 -21.35 -6.90
C ARG B 27 13.97 -22.67 -6.52
N LEU B 28 13.15 -23.63 -6.09
CA LEU B 28 13.61 -24.97 -5.68
C LEU B 28 13.46 -25.98 -6.80
N GLU B 29 14.02 -27.20 -6.64
CA GLU B 29 13.90 -28.26 -7.66
C GLU B 29 12.45 -28.64 -7.86
N SER B 30 11.64 -28.63 -6.77
CA SER B 30 10.19 -28.86 -6.80
C SER B 30 9.44 -27.88 -7.74
N GLY B 31 10.09 -26.78 -8.11
CA GLY B 31 9.52 -25.74 -8.95
C GLY B 31 8.85 -24.63 -8.14
N ASP B 32 8.88 -24.78 -6.80
CA ASP B 32 8.31 -23.79 -5.88
C ASP B 32 9.22 -22.59 -5.76
N VAL B 33 8.59 -21.41 -5.80
CA VAL B 33 9.27 -20.12 -5.71
C VAL B 33 8.82 -19.40 -4.44
N GLY B 34 9.78 -18.80 -3.75
CA GLY B 34 9.55 -17.95 -2.60
C GLY B 34 9.99 -16.56 -3.00
N ARG B 35 9.20 -15.55 -2.66
CA ARG B 35 9.47 -14.17 -2.99
C ARG B 35 9.44 -13.34 -1.73
N ALA B 36 10.43 -12.46 -1.56
CA ALA B 36 10.53 -11.58 -0.39
C ALA B 36 11.05 -10.21 -0.78
N ILE B 37 10.44 -9.16 -0.22
CA ILE B 37 10.88 -7.78 -0.43
C ILE B 37 11.49 -7.34 0.89
N VAL B 38 12.65 -6.69 0.84
CA VAL B 38 13.34 -6.24 2.07
C VAL B 38 12.98 -4.78 2.37
N PRO B 39 12.69 -4.47 3.63
CA PRO B 39 12.33 -3.12 4.03
C PRO B 39 13.54 -2.19 4.04
N SER B 40 13.49 -1.17 4.87
CA SER B 40 14.56 -0.21 5.09
C SER B 40 14.04 1.01 5.83
N GLY B 41 14.84 1.53 6.76
CA GLY B 41 14.49 2.69 7.56
C GLY B 41 15.69 3.44 8.10
N ALA B 42 15.93 3.29 9.40
CA ALA B 42 17.05 3.96 10.04
C ALA B 42 17.60 3.15 11.21
N SER B 43 18.72 3.58 11.75
CA SER B 43 19.35 4.78 11.27
C SER B 43 20.70 4.45 10.65
N THR B 44 21.65 4.03 11.49
CA THR B 44 22.98 3.68 11.00
C THR B 44 23.71 4.89 10.43
N GLY B 45 24.88 4.61 9.82
CA GLY B 45 25.33 3.25 9.62
C GLY B 45 25.19 2.56 10.97
N ALA B 46 25.69 3.21 12.02
CA ALA B 46 25.56 2.69 13.38
C ALA B 46 26.14 1.29 13.51
N HIS B 47 25.54 0.50 14.39
CA HIS B 47 25.92 -0.92 14.56
C HIS B 47 24.80 -1.96 14.49
N GLU B 48 23.80 -1.72 13.72
CA GLU B 48 22.87 -2.72 13.25
C GLU B 48 23.43 -3.29 11.97
N ALA B 49 22.84 -4.36 11.46
CA ALA B 49 23.27 -4.91 10.17
C ALA B 49 23.23 -3.84 9.12
N LEU B 50 24.04 -3.94 8.09
CA LEU B 50 24.09 -2.84 7.14
C LEU B 50 23.59 -3.16 5.71
N GLU B 51 22.72 -2.30 5.17
CA GLU B 51 22.18 -2.48 3.82
C GLU B 51 23.13 -1.90 2.76
N LEU B 52 23.30 -2.62 1.64
CA LEU B 52 24.16 -2.20 0.53
C LEU B 52 23.40 -1.23 -0.42
N ARG B 53 23.73 0.07 -0.34
CA ARG B 53 23.18 1.09 -1.24
C ARG B 53 24.24 1.45 -2.30
N ASP B 54 23.79 1.94 -3.46
CA ASP B 54 24.67 2.20 -4.58
C ASP B 54 25.57 3.45 -4.48
N GLY B 55 25.02 4.57 -4.04
CA GLY B 55 25.75 5.82 -4.00
C GLY B 55 25.93 6.47 -5.37
N ASP B 56 25.27 5.90 -6.42
CA ASP B 56 25.33 6.44 -7.78
C ASP B 56 24.29 7.56 -7.85
N LYS B 57 24.78 8.79 -7.90
CA LYS B 57 23.99 10.02 -7.91
C LYS B 57 23.16 10.22 -9.20
N SER B 58 23.51 9.53 -10.29
CA SER B 58 22.77 9.57 -11.56
C SER B 58 21.55 8.60 -11.58
N ARG B 59 21.23 7.98 -10.43
CA ARG B 59 20.12 7.04 -10.24
C ARG B 59 19.55 7.22 -8.87
N TYR B 60 18.22 7.45 -8.76
CA TYR B 60 17.51 7.52 -7.48
C TYR B 60 18.23 8.29 -6.34
N ASN B 61 19.03 9.31 -6.71
CA ASN B 61 19.85 10.16 -5.82
C ASN B 61 20.75 9.35 -4.88
N GLY B 62 21.42 8.33 -5.45
CA GLY B 62 22.33 7.43 -4.74
C GLY B 62 21.70 6.29 -3.94
N LYS B 63 20.35 6.23 -3.85
CA LYS B 63 19.59 5.23 -3.07
C LYS B 63 19.28 3.88 -3.81
N GLY B 64 19.94 3.64 -4.96
CA GLY B 64 19.79 2.42 -5.75
C GLY B 64 20.35 1.21 -5.04
N VAL B 65 19.87 -0.01 -5.38
CA VAL B 65 20.31 -1.25 -4.71
C VAL B 65 20.81 -2.29 -5.73
N LEU B 66 21.44 -1.83 -6.80
CA LEU B 66 21.97 -2.69 -7.85
C LEU B 66 23.14 -3.59 -7.39
N LYS B 67 23.99 -3.10 -6.45
CA LYS B 67 25.12 -3.86 -5.88
C LYS B 67 24.62 -5.04 -5.04
N ALA B 68 23.53 -4.81 -4.23
CA ALA B 68 22.87 -5.83 -3.42
C ALA B 68 22.22 -6.90 -4.32
N VAL B 69 21.64 -6.47 -5.48
CA VAL B 69 21.02 -7.34 -6.49
C VAL B 69 22.10 -8.20 -7.13
N GLN B 70 23.28 -7.62 -7.37
CA GLN B 70 24.42 -8.30 -7.96
C GLN B 70 25.03 -9.30 -6.96
N ALA B 71 25.07 -8.96 -5.66
CA ALA B 71 25.57 -9.85 -4.61
C ALA B 71 24.68 -11.10 -4.46
N VAL B 72 23.40 -11.00 -4.83
CA VAL B 72 22.45 -12.12 -4.79
C VAL B 72 22.59 -12.94 -6.07
N ASN B 73 22.46 -12.29 -7.26
CA ASN B 73 22.51 -12.95 -8.57
C ASN B 73 23.85 -13.61 -8.91
N GLU B 74 24.90 -13.26 -8.18
CA GLU B 74 26.23 -13.81 -8.41
C GLU B 74 26.78 -14.50 -7.16
N ASP B 75 27.26 -13.72 -6.17
CA ASP B 75 27.88 -14.26 -4.95
C ASP B 75 27.00 -15.26 -4.17
N ILE B 76 25.77 -14.85 -3.75
CA ILE B 76 24.86 -15.70 -2.99
C ILE B 76 24.31 -16.87 -3.84
N ALA B 77 23.95 -16.61 -5.11
CA ALA B 77 23.44 -17.64 -6.02
C ALA B 77 24.47 -18.76 -6.28
N GLU B 78 25.73 -18.41 -6.65
CA GLU B 78 26.78 -19.41 -6.89
C GLU B 78 27.05 -20.24 -5.63
N ALA B 79 27.08 -19.60 -4.44
CA ALA B 79 27.32 -20.29 -3.18
C ALA B 79 26.15 -21.18 -2.63
N LEU B 80 24.88 -20.84 -2.97
CA LEU B 80 23.72 -21.55 -2.41
C LEU B 80 22.99 -22.46 -3.36
N ILE B 81 23.24 -22.39 -4.66
CA ILE B 81 22.57 -23.30 -5.59
C ILE B 81 22.98 -24.72 -5.20
N GLY B 82 21.99 -25.57 -4.95
CA GLY B 82 22.21 -26.94 -4.52
C GLY B 82 22.01 -27.13 -3.03
N PHE B 83 21.97 -26.02 -2.25
CA PHE B 83 21.73 -26.05 -0.81
C PHE B 83 20.27 -26.43 -0.51
N ASP B 84 20.04 -27.21 0.55
CA ASP B 84 18.68 -27.58 0.96
C ASP B 84 18.03 -26.36 1.65
N ALA B 85 17.01 -25.76 0.99
CA ALA B 85 16.26 -24.62 1.50
C ALA B 85 15.41 -24.96 2.73
N ALA B 86 15.08 -26.25 2.94
CA ALA B 86 14.32 -26.69 4.11
C ALA B 86 15.16 -26.57 5.39
N ASP B 87 16.50 -26.44 5.26
CA ASP B 87 17.41 -26.28 6.39
C ASP B 87 17.75 -24.81 6.61
N GLN B 88 16.84 -24.07 7.24
CA GLN B 88 16.92 -22.61 7.49
C GLN B 88 18.18 -22.17 8.27
N ILE B 89 18.45 -22.78 9.44
CA ILE B 89 19.59 -22.48 10.31
C ILE B 89 20.93 -22.63 9.56
N ALA B 90 21.09 -23.71 8.78
CA ALA B 90 22.28 -24.00 7.98
C ALA B 90 22.42 -23.01 6.83
N LEU B 91 21.29 -22.58 6.22
CA LEU B 91 21.27 -21.63 5.11
C LEU B 91 21.71 -20.26 5.57
N ASP B 92 21.21 -19.84 6.74
CA ASP B 92 21.54 -18.56 7.33
C ASP B 92 22.98 -18.51 7.79
N GLN B 93 23.51 -19.62 8.36
CA GLN B 93 24.91 -19.58 8.79
C GLN B 93 25.84 -19.71 7.55
N GLU B 94 25.33 -20.20 6.40
CA GLU B 94 26.07 -20.24 5.13
C GLU B 94 26.13 -18.82 4.54
N LEU B 95 25.06 -18.03 4.71
CA LEU B 95 24.98 -16.64 4.25
C LEU B 95 25.94 -15.77 5.05
N ILE B 96 25.94 -15.93 6.38
CA ILE B 96 26.79 -15.20 7.31
C ILE B 96 28.26 -15.56 7.04
N ALA B 97 28.53 -16.85 6.77
CA ALA B 97 29.87 -17.34 6.47
C ALA B 97 30.40 -16.68 5.19
N LEU B 98 29.58 -16.65 4.10
CA LEU B 98 29.92 -16.06 2.80
C LEU B 98 30.22 -14.55 2.91
N ASP B 99 29.44 -13.83 3.73
CA ASP B 99 29.65 -12.41 3.94
C ASP B 99 30.98 -12.17 4.68
N GLY B 100 31.16 -12.81 5.83
CA GLY B 100 32.38 -12.72 6.63
C GLY B 100 32.50 -11.54 7.57
N THR B 101 31.73 -10.47 7.34
CA THR B 101 31.77 -9.28 8.18
C THR B 101 30.79 -9.43 9.35
N PRO B 102 30.97 -8.75 10.49
CA PRO B 102 30.01 -8.93 11.59
C PRO B 102 28.70 -8.16 11.43
N ASN B 103 28.64 -7.17 10.52
CA ASN B 103 27.42 -6.37 10.31
C ASN B 103 26.86 -6.49 8.87
N LYS B 104 27.18 -7.61 8.19
CA LYS B 104 26.71 -7.94 6.84
C LYS B 104 26.99 -6.82 5.80
N SER B 105 28.13 -6.11 5.95
CA SER B 105 28.52 -4.99 5.10
C SER B 105 29.06 -5.38 3.72
N LYS B 106 29.61 -6.59 3.57
CA LYS B 106 30.14 -7.04 2.28
C LYS B 106 29.04 -7.30 1.25
N LEU B 107 28.12 -8.25 1.53
CA LEU B 107 27.00 -8.60 0.64
C LEU B 107 25.79 -7.66 0.81
N GLY B 108 25.60 -7.16 2.02
CA GLY B 108 24.49 -6.29 2.39
C GLY B 108 23.49 -7.02 3.27
N ALA B 109 22.98 -6.36 4.31
CA ALA B 109 21.97 -6.92 5.21
C ALA B 109 20.68 -7.21 4.44
N ASN B 110 20.41 -6.36 3.42
CA ASN B 110 19.24 -6.42 2.55
C ASN B 110 19.33 -7.62 1.59
N ALA B 111 20.52 -7.90 1.03
CA ALA B 111 20.75 -9.06 0.15
C ALA B 111 20.64 -10.37 0.96
N ILE B 112 21.23 -10.41 2.18
CA ILE B 112 21.19 -11.60 3.05
C ILE B 112 19.75 -11.92 3.51
N LEU B 113 19.02 -10.93 4.09
CA LEU B 113 17.64 -11.10 4.55
C LEU B 113 16.66 -11.55 3.46
N GLY B 114 16.77 -10.98 2.27
CA GLY B 114 15.94 -11.31 1.12
C GLY B 114 16.02 -12.78 0.79
N VAL B 115 17.25 -13.30 0.68
CA VAL B 115 17.52 -14.73 0.41
C VAL B 115 17.00 -15.55 1.58
N SER B 116 17.38 -15.16 2.83
CA SER B 116 16.98 -15.81 4.08
C SER B 116 15.46 -16.08 4.20
N LEU B 117 14.64 -15.05 3.84
CA LEU B 117 13.18 -15.03 3.88
C LEU B 117 12.53 -15.72 2.69
N ALA B 118 13.06 -15.50 1.48
CA ALA B 118 12.59 -16.12 0.23
C ALA B 118 12.81 -17.62 0.25
N ALA B 119 13.89 -18.10 0.89
CA ALA B 119 14.22 -19.53 1.00
C ALA B 119 13.17 -20.24 1.90
N ALA B 120 12.75 -19.56 3.01
CA ALA B 120 11.74 -20.03 3.95
C ALA B 120 10.40 -20.14 3.27
N LYS B 121 10.07 -19.16 2.42
CA LYS B 121 8.81 -19.13 1.71
C LYS B 121 8.75 -20.20 0.63
N ALA B 122 9.87 -20.40 -0.08
CA ALA B 122 10.01 -21.40 -1.15
C ALA B 122 9.76 -22.83 -0.59
N ALA B 123 10.37 -23.12 0.57
CA ALA B 123 10.32 -24.37 1.32
C ALA B 123 8.94 -24.59 1.89
N ALA B 124 8.33 -23.54 2.49
CA ALA B 124 6.99 -23.62 3.05
C ALA B 124 6.01 -24.02 1.96
N ALA B 125 6.14 -23.44 0.76
CA ALA B 125 5.30 -23.79 -0.38
C ALA B 125 5.58 -25.23 -0.87
N ALA B 126 6.83 -25.72 -0.71
CA ALA B 126 7.22 -27.09 -1.10
C ALA B 126 6.54 -28.10 -0.17
N PHE B 127 6.51 -27.82 1.14
CA PHE B 127 5.79 -28.66 2.11
C PHE B 127 4.26 -28.37 2.07
N GLY B 128 3.82 -27.44 1.22
CA GLY B 128 2.43 -27.04 1.06
C GLY B 128 1.85 -26.51 2.36
N LEU B 129 2.70 -25.80 3.14
CA LEU B 129 2.37 -25.25 4.46
C LEU B 129 2.35 -23.73 4.44
N PRO B 130 1.42 -23.08 5.17
CA PRO B 130 1.50 -21.60 5.29
C PRO B 130 2.76 -21.23 6.10
N LEU B 131 3.32 -20.05 5.84
CA LEU B 131 4.57 -19.59 6.44
C LEU B 131 4.64 -19.69 7.97
N TYR B 132 3.60 -19.24 8.71
CA TYR B 132 3.60 -19.29 10.19
C TYR B 132 3.72 -20.73 10.74
N ARG B 133 3.09 -21.66 10.05
CA ARG B 133 3.09 -23.07 10.44
C ARG B 133 4.47 -23.66 10.14
N TYR B 134 4.98 -23.47 8.90
CA TYR B 134 6.32 -23.92 8.51
C TYR B 134 7.40 -23.32 9.43
N LEU B 135 7.25 -22.04 9.83
CA LEU B 135 8.23 -21.41 10.70
C LEU B 135 8.13 -21.82 12.16
N GLY B 136 6.92 -21.82 12.74
CA GLY B 136 6.77 -22.07 14.17
C GLY B 136 6.26 -23.42 14.64
N GLY B 137 5.95 -24.30 13.70
CA GLY B 137 5.44 -25.64 13.98
C GLY B 137 3.99 -25.66 14.40
N VAL B 138 3.53 -26.82 14.90
CA VAL B 138 2.14 -27.14 15.27
C VAL B 138 1.51 -26.22 16.31
N TYR B 139 2.32 -25.53 17.14
CA TYR B 139 1.80 -24.68 18.20
C TYR B 139 1.68 -23.20 17.79
N ALA B 140 2.03 -22.86 16.52
CA ALA B 140 1.88 -21.50 15.98
C ALA B 140 0.37 -21.14 15.79
N HIS B 141 -0.24 -20.39 16.74
CA HIS B 141 -1.70 -20.09 16.65
C HIS B 141 -2.16 -18.76 17.28
N VAL B 142 -1.25 -18.03 17.94
CA VAL B 142 -1.58 -16.80 18.70
C VAL B 142 -1.55 -15.55 17.82
N LEU B 143 -2.70 -14.92 17.70
CA LEU B 143 -2.88 -13.69 16.93
C LEU B 143 -2.58 -12.52 17.79
N PRO B 144 -1.80 -11.56 17.28
CA PRO B 144 -1.32 -10.47 18.15
C PRO B 144 -2.30 -9.34 18.33
N VAL B 145 -2.16 -8.62 19.47
CA VAL B 145 -2.90 -7.40 19.72
C VAL B 145 -2.10 -6.37 18.94
N PRO B 146 -2.71 -5.63 17.99
CA PRO B 146 -1.89 -4.67 17.22
C PRO B 146 -1.66 -3.31 17.92
N MET B 147 -0.50 -2.68 17.69
CA MET B 147 -0.15 -1.32 18.14
C MET B 147 -0.50 -0.44 16.96
N MET B 148 -1.72 0.08 16.94
CA MET B 148 -2.18 0.87 15.79
C MET B 148 -1.90 2.36 15.94
N ASN B 149 -1.03 2.87 15.06
CA ASN B 149 -0.67 4.27 14.97
C ASN B 149 -1.90 5.10 14.56
N ILE B 150 -2.06 6.27 15.17
CA ILE B 150 -3.18 7.16 14.89
C ILE B 150 -2.71 8.61 14.78
N MET B 151 -1.81 9.01 15.70
CA MET B 151 -1.26 10.36 15.77
C MET B 151 0.27 10.34 15.81
N ASN B 152 0.90 11.22 15.04
CA ASN B 152 2.35 11.34 15.02
C ASN B 152 2.87 12.52 15.84
N GLY B 153 4.01 13.06 15.43
CA GLY B 153 4.62 14.19 16.10
C GLY B 153 6.11 14.27 15.88
N GLY B 154 6.66 15.46 16.03
CA GLY B 154 8.09 15.68 15.84
C GLY B 154 8.44 16.05 14.42
N GLN B 155 9.60 15.60 13.97
CA GLN B 155 10.06 15.88 12.61
C GLN B 155 9.60 15.55 11.20
N HIS B 156 8.79 15.92 10.55
CA HIS B 156 8.37 15.46 9.22
C HIS B 156 8.43 16.56 8.16
N ALA B 157 7.70 17.64 8.39
CA ALA B 157 6.89 17.78 9.60
C ALA B 157 6.48 19.23 9.82
N THR B 158 5.38 19.43 10.55
CA THR B 158 4.88 20.77 10.84
C THR B 158 5.05 20.66 12.35
N ASN B 159 5.15 21.26 13.20
CA ASN B 159 5.40 20.95 14.61
C ASN B 159 4.42 20.46 15.67
N SER B 160 4.74 19.31 16.26
CA SER B 160 3.89 18.72 17.28
C SER B 160 4.69 18.44 18.56
N THR B 161 3.98 18.04 19.62
CA THR B 161 4.63 17.75 20.90
C THR B 161 5.90 16.93 20.69
N ASP B 162 6.89 17.17 21.55
CA ASP B 162 8.15 16.46 21.47
C ASP B 162 7.94 14.98 21.13
N PHE B 163 6.91 14.39 21.75
CA PHE B 163 6.60 12.99 21.52
C PHE B 163 6.64 12.64 20.03
N GLN B 164 6.72 11.36 19.72
CA GLN B 164 6.78 10.90 18.33
C GLN B 164 5.49 10.19 17.93
N GLU B 165 5.36 8.94 18.38
CA GLU B 165 4.18 8.14 18.05
C GLU B 165 3.22 7.92 19.20
N PHE B 166 1.93 7.92 18.89
CA PHE B 166 0.80 7.69 19.80
C PHE B 166 -0.05 6.56 19.18
N MET B 167 -0.10 5.40 19.86
CA MET B 167 -0.80 4.23 19.34
C MET B 167 -1.87 3.74 20.27
N ILE B 168 -2.82 3.01 19.70
CA ILE B 168 -3.91 2.35 20.41
C ILE B 168 -3.76 0.84 20.30
N MET B 169 -4.26 0.12 21.32
CA MET B 169 -4.18 -1.33 21.39
C MET B 169 -5.54 -1.92 21.80
N PRO B 170 -6.21 -2.69 20.91
CA PRO B 170 -7.53 -3.25 21.25
C PRO B 170 -7.48 -4.55 22.06
N VAL B 171 -6.98 -4.47 23.32
CA VAL B 171 -6.80 -5.59 24.27
C VAL B 171 -8.07 -6.41 24.54
N GLY B 172 -9.19 -5.73 24.77
CA GLY B 172 -10.47 -6.37 25.10
C GLY B 172 -11.14 -7.24 24.05
N ALA B 173 -10.71 -7.15 22.77
CA ALA B 173 -11.32 -7.89 21.66
C ALA B 173 -11.23 -9.40 21.83
N GLU B 174 -12.23 -10.12 21.29
CA GLU B 174 -12.37 -11.59 21.38
C GLU B 174 -11.56 -12.29 20.27
N SER B 175 -11.15 -11.51 19.23
CA SER B 175 -10.42 -11.99 18.06
C SER B 175 -9.64 -10.83 17.42
N PHE B 176 -8.71 -11.14 16.51
CA PHE B 176 -7.96 -10.13 15.79
C PHE B 176 -8.89 -9.34 14.83
N ARG B 177 -9.84 -10.03 14.19
CA ARG B 177 -10.82 -9.45 13.28
C ARG B 177 -11.60 -8.35 13.99
N GLU B 178 -12.07 -8.61 15.22
CA GLU B 178 -12.81 -7.63 16.05
C GLU B 178 -11.91 -6.48 16.49
N GLY B 179 -10.69 -6.80 16.94
CA GLY B 179 -9.73 -5.79 17.38
C GLY B 179 -9.36 -4.83 16.28
N LEU B 180 -9.19 -5.36 15.06
CA LEU B 180 -8.90 -4.59 13.85
C LEU B 180 -10.03 -3.59 13.56
N ARG B 181 -11.29 -4.04 13.65
CA ARG B 181 -12.44 -3.19 13.43
C ARG B 181 -12.45 -2.04 14.44
N TRP B 182 -12.17 -2.34 15.73
CA TRP B 182 -12.12 -1.37 16.83
C TRP B 182 -11.20 -0.22 16.52
N GLY B 183 -9.93 -0.53 16.21
CA GLY B 183 -8.93 0.47 15.89
C GLY B 183 -9.20 1.26 14.62
N ALA B 184 -9.78 0.61 13.60
CA ALA B 184 -10.10 1.24 12.30
C ALA B 184 -11.22 2.24 12.52
N GLU B 185 -12.22 1.88 13.35
CA GLU B 185 -13.35 2.74 13.71
C GLU B 185 -12.81 4.00 14.44
N ILE B 186 -11.94 3.82 15.46
CA ILE B 186 -11.33 4.89 16.25
C ILE B 186 -10.39 5.76 15.39
N TYR B 187 -9.70 5.18 14.38
CA TYR B 187 -8.86 5.93 13.45
C TYR B 187 -9.75 6.90 12.65
N HIS B 188 -10.89 6.42 12.12
CA HIS B 188 -11.86 7.23 11.37
C HIS B 188 -12.59 8.26 12.26
N MET B 189 -12.94 7.86 13.51
CA MET B 189 -13.59 8.70 14.52
C MET B 189 -12.66 9.83 15.01
N LEU B 190 -11.34 9.59 14.97
CA LEU B 190 -10.32 10.59 15.34
C LEU B 190 -10.46 11.79 14.37
N LYS B 191 -10.64 11.51 13.05
CA LYS B 191 -10.83 12.51 12.01
C LYS B 191 -12.14 13.30 12.19
N LYS B 192 -13.20 12.65 12.71
CA LYS B 192 -14.49 13.31 12.99
C LYS B 192 -14.39 14.27 14.22
N VAL B 193 -13.16 14.41 14.78
CA VAL B 193 -12.83 15.31 15.90
C VAL B 193 -11.69 16.27 15.44
N ILE B 194 -10.62 15.72 14.83
CA ILE B 194 -9.44 16.45 14.35
C ILE B 194 -9.74 17.32 13.10
N HIS B 195 -10.49 16.80 12.11
CA HIS B 195 -10.88 17.53 10.89
C HIS B 195 -11.87 18.66 11.24
N ASP B 196 -12.04 19.64 10.31
CA ASP B 196 -12.88 20.85 10.41
C ASP B 196 -12.50 21.72 11.64
N ARG B 197 -11.25 21.61 12.09
CA ARG B 197 -10.77 22.38 13.23
C ARG B 197 -9.49 23.12 12.89
N GLY B 198 -8.97 22.88 11.69
CA GLY B 198 -7.74 23.53 11.25
C GLY B 198 -6.62 22.55 11.02
N PHE B 199 -6.92 21.45 10.32
CA PHE B 199 -5.94 20.42 10.04
C PHE B 199 -6.24 19.71 8.73
N SER B 200 -5.25 19.00 8.19
CA SER B 200 -5.42 18.27 6.95
C SER B 200 -5.69 16.79 7.20
N THR B 201 -6.00 16.06 6.14
CA THR B 201 -6.28 14.63 6.25
C THR B 201 -5.14 13.80 5.68
N THR B 202 -4.09 14.48 5.23
CA THR B 202 -2.93 13.80 4.66
C THR B 202 -2.29 12.85 5.67
N VAL B 203 -1.46 11.95 5.17
CA VAL B 203 -0.78 10.97 6.02
C VAL B 203 0.73 11.07 5.88
N GLY B 204 1.45 10.29 6.67
CA GLY B 204 2.90 10.29 6.63
C GLY B 204 3.46 9.09 5.88
N ASP B 205 4.39 8.37 6.52
CA ASP B 205 4.99 7.21 5.91
C ASP B 205 4.37 5.91 6.43
N GLU B 206 3.62 6.03 7.52
CA GLU B 206 2.97 4.88 8.13
C GLU B 206 1.45 4.96 8.03
N GLY B 207 0.95 6.10 7.56
CA GLY B 207 -0.47 6.30 7.42
C GLY B 207 -1.09 7.21 8.48
N GLY B 208 -0.36 7.42 9.56
CA GLY B 208 -0.84 8.26 10.65
C GLY B 208 -0.84 9.73 10.29
N PHE B 209 -1.42 10.55 11.15
CA PHE B 209 -1.48 11.99 10.92
C PHE B 209 -0.54 12.74 11.86
N ALA B 210 -0.24 13.99 11.51
CA ALA B 210 0.64 14.81 12.32
C ALA B 210 0.15 16.25 12.40
N PRO B 211 -0.77 16.51 13.32
CA PRO B 211 -1.35 17.85 13.49
C PRO B 211 -0.53 18.68 14.47
N SER B 212 -1.04 19.87 14.81
CA SER B 212 -0.36 20.77 15.74
C SER B 212 -1.14 20.77 17.05
N LEU B 213 -0.43 20.73 18.19
CA LEU B 213 -1.07 20.64 19.51
C LEU B 213 -0.62 21.70 20.53
N PRO B 214 -1.51 22.09 21.49
CA PRO B 214 -1.09 23.09 22.50
C PRO B 214 -0.19 22.54 23.59
N THR B 215 -0.59 21.41 24.24
CA THR B 215 0.14 20.79 25.34
C THR B 215 0.38 19.28 25.13
N ASN B 216 1.37 18.71 25.86
CA ASN B 216 1.75 17.29 25.81
C ASN B 216 0.67 16.35 26.37
N ASP B 217 -0.27 16.88 27.17
CA ASP B 217 -1.39 16.13 27.78
C ASP B 217 -2.60 16.06 26.83
N ALA B 218 -2.69 17.02 25.87
CA ALA B 218 -3.77 17.15 24.88
C ALA B 218 -3.88 15.99 23.86
N PRO B 219 -2.79 15.40 23.26
CA PRO B 219 -2.99 14.29 22.31
C PRO B 219 -3.68 13.08 22.93
N LEU B 220 -3.39 12.81 24.23
CA LEU B 220 -4.00 11.74 25.02
C LEU B 220 -5.49 12.01 25.22
N GLN B 221 -5.86 13.30 25.43
CA GLN B 221 -7.25 13.74 25.64
C GLN B 221 -8.10 13.57 24.37
N LEU B 222 -7.48 13.76 23.18
CA LEU B 222 -8.12 13.60 21.87
C LEU B 222 -8.44 12.12 21.60
N ILE B 223 -7.44 11.26 21.85
CA ILE B 223 -7.49 9.81 21.69
C ILE B 223 -8.56 9.22 22.62
N MET B 224 -8.54 9.61 23.91
CA MET B 224 -9.50 9.17 24.94
C MET B 224 -10.94 9.57 24.61
N GLU B 225 -11.13 10.69 23.89
CA GLU B 225 -12.44 11.17 23.47
C GLU B 225 -12.89 10.33 22.28
N ALA B 226 -11.99 10.14 21.29
CA ALA B 226 -12.21 9.31 20.09
C ALA B 226 -12.57 7.85 20.44
N ILE B 227 -12.15 7.37 21.63
CA ILE B 227 -12.42 6.03 22.12
C ILE B 227 -13.90 5.89 22.55
N GLU B 228 -14.37 6.76 23.47
CA GLU B 228 -15.75 6.73 23.98
C GLU B 228 -16.77 7.27 22.96
N LYS B 229 -16.33 8.15 22.02
CA LYS B 229 -17.14 8.71 20.94
C LYS B 229 -17.46 7.60 19.91
N ALA B 230 -16.52 6.63 19.75
CA ALA B 230 -16.66 5.47 18.87
C ALA B 230 -17.46 4.37 19.58
N GLY B 231 -17.63 4.51 20.89
CA GLY B 231 -18.38 3.57 21.73
C GLY B 231 -17.55 2.54 22.45
N TYR B 232 -16.26 2.84 22.72
CA TYR B 232 -15.37 1.89 23.41
C TYR B 232 -14.92 2.38 24.78
N ARG B 233 -14.76 1.44 25.74
CA ARG B 233 -14.37 1.72 27.13
C ARG B 233 -12.84 1.68 27.32
N PRO B 234 -12.19 2.82 27.69
CA PRO B 234 -10.73 2.81 27.93
C PRO B 234 -10.30 1.84 29.04
N GLY B 235 -9.09 1.28 28.86
CA GLY B 235 -8.53 0.28 29.77
C GLY B 235 -9.08 -1.09 29.46
N GLU B 236 -10.38 -1.29 29.77
CA GLU B 236 -11.16 -2.52 29.59
C GLU B 236 -11.16 -3.06 28.15
N GLN B 237 -11.14 -2.16 27.16
CA GLN B 237 -11.19 -2.52 25.74
C GLN B 237 -10.06 -1.91 24.97
N ILE B 238 -9.87 -0.59 25.07
CA ILE B 238 -8.82 0.11 24.33
C ILE B 238 -7.81 0.67 25.29
N VAL B 239 -6.53 0.38 25.04
CA VAL B 239 -5.44 0.81 25.90
C VAL B 239 -4.40 1.55 25.04
N ILE B 240 -3.67 2.51 25.64
CA ILE B 240 -2.70 3.36 24.95
C ILE B 240 -1.27 2.80 25.02
N ALA B 241 -0.54 2.91 23.90
CA ALA B 241 0.85 2.50 23.72
C ALA B 241 1.59 3.71 23.13
N LEU B 242 2.73 4.11 23.73
CA LEU B 242 3.47 5.28 23.25
C LEU B 242 4.87 4.97 22.78
N ASP B 243 5.36 5.74 21.79
CA ASP B 243 6.73 5.72 21.30
C ASP B 243 7.21 7.20 21.28
N PRO B 244 7.55 7.79 22.45
CA PRO B 244 8.02 9.20 22.47
C PRO B 244 9.31 9.39 21.68
N ALA B 245 10.13 8.32 21.54
CA ALA B 245 11.42 8.30 20.83
C ALA B 245 12.33 9.46 21.32
N THR B 246 12.59 9.46 22.64
CA THR B 246 13.35 10.46 23.39
C THR B 246 14.81 10.64 22.92
N THR B 247 15.34 9.68 22.15
CA THR B 247 16.69 9.69 21.59
C THR B 247 16.94 10.95 20.73
N GLU B 248 15.93 11.39 19.97
CA GLU B 248 16.02 12.57 19.10
C GLU B 248 16.04 13.90 19.87
N ILE B 249 15.54 13.87 21.14
CA ILE B 249 15.51 15.04 22.03
C ILE B 249 16.25 14.74 23.38
N HIS B 256 14.38 16.83 27.90
CA HIS B 256 14.44 17.99 27.01
C HIS B 256 13.12 18.23 26.26
N LEU B 257 12.03 18.48 27.02
CA LEU B 257 10.69 18.76 26.50
C LEU B 257 10.65 20.21 25.96
N LYS B 258 10.80 20.38 24.63
CA LYS B 258 10.82 21.69 23.96
C LYS B 258 9.50 22.01 23.18
N ARG B 259 8.57 22.77 23.78
CA ARG B 259 8.69 23.32 25.13
C ARG B 259 7.43 23.23 25.99
N GLU B 260 7.57 22.54 27.13
CA GLU B 260 6.54 22.41 28.16
C GLU B 260 7.03 23.25 29.37
N GLY B 261 8.27 23.72 29.26
CA GLY B 261 8.94 24.54 30.27
C GLY B 261 9.95 23.76 31.10
N ARG B 262 9.77 22.43 31.17
CA ARG B 262 10.60 21.51 31.96
C ARG B 262 11.75 20.82 31.23
N SER B 263 12.62 21.09 30.56
CA SER B 263 13.67 20.35 29.81
C SER B 263 14.81 19.89 30.77
N LEU B 264 15.06 18.55 30.83
CA LEU B 264 15.98 17.83 31.70
C LEU B 264 14.87 16.92 32.28
N SER B 265 15.47 15.56 32.76
CA SER B 265 16.79 15.22 33.24
C SER B 265 16.48 13.67 33.26
N SER B 266 17.51 12.78 33.22
CA SER B 266 17.35 11.32 33.22
C SER B 266 16.46 10.78 34.36
N ALA B 267 16.61 11.34 35.57
CA ALA B 267 15.83 10.95 36.74
C ALA B 267 14.45 11.62 36.75
N GLU B 268 14.37 12.87 36.26
CA GLU B 268 13.11 13.64 36.20
C GLU B 268 12.14 13.05 35.18
N MET B 269 12.67 12.60 34.01
CA MET B 269 11.92 11.99 32.90
C MET B 269 11.12 10.76 33.33
N VAL B 270 11.74 9.88 34.15
CA VAL B 270 11.12 8.67 34.70
C VAL B 270 9.92 9.07 35.55
N ASP B 271 10.06 10.15 36.33
CA ASP B 271 9.01 10.69 37.18
C ASP B 271 7.83 11.27 36.38
N TYR B 272 8.09 11.77 35.15
CA TYR B 272 7.05 12.31 34.25
C TYR B 272 6.10 11.19 33.80
N TRP B 273 6.67 10.06 33.29
CA TRP B 273 5.95 8.90 32.80
C TRP B 273 5.02 8.25 33.86
N VAL B 274 5.42 8.30 35.17
CA VAL B 274 4.65 7.75 36.32
C VAL B 274 3.31 8.48 36.49
N ASP B 275 3.28 9.80 36.18
CA ASP B 275 2.07 10.61 36.31
C ASP B 275 1.02 10.26 35.24
N LEU B 276 1.46 10.14 33.97
CA LEU B 276 0.63 9.81 32.81
C LEU B 276 -0.15 8.52 33.00
N VAL B 277 0.55 7.44 33.41
CA VAL B 277 0.01 6.08 33.63
C VAL B 277 -1.05 6.06 34.76
N ASN B 278 -0.90 6.94 35.78
CA ASN B 278 -1.83 7.03 36.92
C ASN B 278 -3.21 7.61 36.54
N ARG B 279 -3.27 8.51 35.53
CA ARG B 279 -4.53 9.12 35.08
C ARG B 279 -5.06 8.53 33.76
N TYR B 280 -4.14 8.10 32.85
CA TYR B 280 -4.49 7.55 31.53
C TYR B 280 -4.11 6.06 31.34
N PRO B 281 -4.90 5.26 30.57
CA PRO B 281 -4.57 3.84 30.40
C PRO B 281 -3.37 3.56 29.48
N ILE B 282 -2.15 3.79 29.99
CA ILE B 282 -0.95 3.49 29.22
C ILE B 282 -0.42 2.15 29.69
N ILE B 283 -0.25 1.22 28.73
CA ILE B 283 0.20 -0.14 28.97
C ILE B 283 1.63 -0.32 28.51
N SER B 284 2.07 0.48 27.51
CA SER B 284 3.39 0.35 26.89
C SER B 284 4.05 1.69 26.56
N LEU B 285 5.38 1.76 26.72
CA LEU B 285 6.24 2.92 26.45
C LEU B 285 7.51 2.43 25.75
N GLU B 286 7.75 2.90 24.52
CA GLU B 286 8.88 2.51 23.67
C GLU B 286 9.91 3.62 23.60
N ASP B 287 11.20 3.28 23.78
CA ASP B 287 12.33 4.23 23.78
C ASP B 287 12.03 5.45 24.71
N GLY B 288 11.64 5.14 25.94
CA GLY B 288 11.31 6.12 26.98
C GLY B 288 12.51 6.92 27.44
N LEU B 289 13.72 6.40 27.13
CA LEU B 289 15.05 6.98 27.39
C LEU B 289 16.01 6.67 26.21
N ALA B 290 17.05 7.51 26.05
CA ALA B 290 18.04 7.51 24.97
C ALA B 290 18.70 6.16 24.63
N GLU B 291 19.24 6.09 23.38
CA GLU B 291 19.97 5.00 22.73
C GLU B 291 20.98 4.26 23.63
N ASP B 292 21.75 5.02 24.45
CA ASP B 292 22.77 4.47 25.34
C ASP B 292 22.67 4.95 26.81
N ASP B 293 21.49 5.45 27.24
CA ASP B 293 21.25 5.88 28.62
C ASP B 293 20.84 4.66 29.49
N TRP B 294 21.77 3.69 29.65
CA TRP B 294 21.59 2.44 30.40
C TRP B 294 21.22 2.64 31.88
N GLU B 295 21.67 3.74 32.51
CA GLU B 295 21.37 4.05 33.91
C GLU B 295 19.89 4.43 34.11
N GLY B 296 19.36 5.23 33.19
CA GLY B 296 17.97 5.69 33.19
C GLY B 296 16.95 4.57 33.02
N TRP B 297 17.22 3.66 32.05
CA TRP B 297 16.39 2.50 31.73
C TRP B 297 16.15 1.62 32.96
N ALA B 298 17.24 1.31 33.71
CA ALA B 298 17.23 0.51 34.94
C ALA B 298 16.30 1.10 36.02
N LEU B 299 16.27 2.46 36.14
CA LEU B 299 15.41 3.19 37.08
C LEU B 299 13.96 3.15 36.58
N LEU B 300 13.77 3.41 35.27
CA LEU B 300 12.47 3.38 34.59
C LEU B 300 11.80 2.02 34.78
N ARG B 301 12.61 0.94 34.78
CA ARG B 301 12.16 -0.43 34.98
C ARG B 301 11.72 -0.66 36.43
N ALA B 302 12.57 -0.31 37.42
CA ALA B 302 12.28 -0.48 38.84
C ALA B 302 11.05 0.29 39.33
N LYS B 303 10.81 1.49 38.75
CA LYS B 303 9.67 2.37 39.07
C LYS B 303 8.31 1.83 38.61
N LEU B 304 8.09 1.60 37.28
CA LEU B 304 6.79 1.14 36.79
C LEU B 304 6.80 -0.15 35.91
N GLY B 305 7.93 -0.85 35.83
CA GLY B 305 8.07 -2.08 35.05
C GLY B 305 7.07 -3.19 35.34
N ASP B 306 6.46 -3.19 36.55
CA ASP B 306 5.48 -4.19 36.98
C ASP B 306 4.02 -3.80 36.64
N ARG B 307 3.83 -2.65 35.96
CA ARG B 307 2.52 -2.11 35.57
C ARG B 307 2.52 -1.51 34.15
N VAL B 308 3.71 -1.39 33.53
CA VAL B 308 3.93 -0.82 32.20
C VAL B 308 4.95 -1.71 31.44
N GLN B 309 4.82 -1.76 30.10
CA GLN B 309 5.71 -2.48 29.18
C GLN B 309 6.70 -1.45 28.66
N LEU B 310 8.00 -1.75 28.73
CA LEU B 310 9.04 -0.81 28.33
C LEU B 310 9.81 -1.41 27.17
N VAL B 311 9.64 -0.82 25.99
CA VAL B 311 10.15 -1.36 24.74
C VAL B 311 11.46 -0.71 24.27
N GLY B 312 12.47 -1.55 24.16
CA GLY B 312 13.77 -1.13 23.64
C GLY B 312 13.80 -1.21 22.13
N ASP B 313 13.76 -0.03 21.46
CA ASP B 313 13.86 0.05 20.00
C ASP B 313 15.29 0.46 19.66
N ASP B 314 15.59 1.78 19.58
CA ASP B 314 16.95 2.29 19.29
C ASP B 314 17.93 1.94 20.40
N PHE B 315 17.40 1.70 21.62
CA PHE B 315 18.15 1.28 22.79
C PHE B 315 18.76 -0.13 22.61
N LEU B 316 18.05 -1.04 21.91
CA LEU B 316 18.51 -2.43 21.76
C LEU B 316 18.86 -2.82 20.33
N VAL B 317 18.37 -2.05 19.33
CA VAL B 317 18.57 -2.12 17.88
C VAL B 317 18.60 -3.60 17.30
N THR B 318 17.77 -4.52 17.88
CA THR B 318 17.62 -5.95 17.53
C THR B 318 19.01 -6.65 17.63
N ASN B 319 19.74 -6.38 18.74
CA ASN B 319 21.07 -6.92 18.99
C ASN B 319 21.09 -7.81 20.22
N VAL B 320 21.51 -9.08 20.04
CA VAL B 320 21.60 -10.11 21.09
C VAL B 320 22.53 -9.66 22.24
N GLN B 321 23.72 -9.13 21.89
CA GLN B 321 24.72 -8.64 22.85
C GLN B 321 24.15 -7.61 23.83
N ARG B 322 23.43 -6.57 23.33
CA ARG B 322 22.85 -5.56 24.21
C ARG B 322 21.49 -5.98 24.77
N LEU B 323 20.83 -6.98 24.16
CA LEU B 323 19.58 -7.53 24.70
C LEU B 323 19.95 -8.34 25.96
N GLN B 324 20.99 -9.22 25.87
CA GLN B 324 21.51 -10.02 26.98
C GLN B 324 22.01 -9.13 28.11
N ARG B 325 22.59 -7.95 27.76
CA ARG B 325 23.07 -6.94 28.68
C ARG B 325 21.90 -6.29 29.43
N ALA B 326 20.80 -5.94 28.71
CA ALA B 326 19.62 -5.32 29.31
C ALA B 326 18.77 -6.31 30.11
N ILE B 327 18.92 -7.64 29.84
CA ILE B 327 18.23 -8.70 30.58
C ILE B 327 18.84 -8.79 31.98
N GLU B 328 20.20 -8.91 32.03
CA GLU B 328 21.02 -8.98 33.24
C GLU B 328 20.86 -7.70 34.08
N ALA B 329 21.01 -6.52 33.44
CA ALA B 329 20.87 -5.22 34.09
C ALA B 329 19.44 -4.87 34.49
N LYS B 330 18.44 -5.65 34.00
CA LYS B 330 17.00 -5.43 34.21
C LYS B 330 16.65 -4.01 33.73
N ALA B 331 17.15 -3.63 32.53
CA ALA B 331 16.97 -2.30 31.94
C ALA B 331 15.60 -2.08 31.28
N ALA B 332 15.00 -3.16 30.70
CA ALA B 332 13.70 -3.11 30.03
C ALA B 332 12.95 -4.42 30.30
N ASN B 333 11.80 -4.64 29.63
CA ASN B 333 10.98 -5.87 29.72
C ASN B 333 10.35 -6.24 28.37
N SER B 334 10.74 -5.53 27.30
CA SER B 334 10.23 -5.72 25.95
C SER B 334 11.23 -5.21 24.93
N ILE B 335 11.38 -5.93 23.82
CA ILE B 335 12.27 -5.55 22.72
C ILE B 335 11.45 -5.41 21.41
N LEU B 336 11.77 -4.40 20.60
CA LEU B 336 11.15 -4.20 19.30
C LEU B 336 12.03 -4.94 18.29
N ILE B 337 11.44 -5.93 17.60
CA ILE B 337 12.11 -6.79 16.65
C ILE B 337 11.97 -6.29 15.21
N LYS B 338 13.08 -5.81 14.64
CA LYS B 338 13.13 -5.34 13.24
C LYS B 338 13.98 -6.32 12.48
N LEU B 339 13.33 -7.10 11.64
CA LEU B 339 13.87 -8.15 10.78
C LEU B 339 15.14 -7.70 10.05
N ASN B 340 15.11 -6.52 9.42
CA ASN B 340 16.24 -5.98 8.64
C ASN B 340 17.39 -5.43 9.51
N GLN B 341 17.10 -5.10 10.79
CA GLN B 341 18.09 -4.60 11.75
C GLN B 341 19.12 -5.68 12.12
N ILE B 342 18.72 -6.97 12.08
CA ILE B 342 19.60 -8.10 12.38
C ILE B 342 20.15 -8.73 11.06
N GLY B 343 19.31 -8.88 10.03
CA GLY B 343 19.75 -9.35 8.73
C GLY B 343 19.42 -10.77 8.30
N SER B 344 18.92 -11.63 9.20
CA SER B 344 18.53 -13.01 8.86
C SER B 344 17.38 -13.51 9.72
N LEU B 345 16.67 -14.53 9.22
CA LEU B 345 15.53 -15.14 9.90
C LEU B 345 15.95 -15.86 11.17
N THR B 346 16.99 -16.72 11.09
CA THR B 346 17.52 -17.47 12.23
C THR B 346 17.88 -16.55 13.39
N GLU B 347 18.59 -15.45 13.09
CA GLU B 347 19.03 -14.48 14.09
C GLU B 347 17.87 -13.74 14.71
N THR B 348 16.79 -13.47 13.91
CA THR B 348 15.57 -12.81 14.39
C THR B 348 14.83 -13.73 15.35
N LEU B 349 14.68 -15.02 14.97
CA LEU B 349 14.06 -16.07 15.76
C LEU B 349 14.85 -16.27 17.05
N SER B 350 16.20 -16.23 16.96
CA SER B 350 17.11 -16.31 18.09
C SER B 350 16.86 -15.17 19.09
N ALA B 351 16.73 -13.90 18.62
CA ALA B 351 16.46 -12.74 19.49
C ALA B 351 15.05 -12.75 20.09
N ILE B 352 14.07 -13.29 19.34
CA ILE B 352 12.69 -13.39 19.81
C ILE B 352 12.65 -14.38 21.00
N GLN B 353 13.27 -15.56 20.84
CA GLN B 353 13.34 -16.58 21.89
C GLN B 353 14.06 -16.10 23.15
N LEU B 354 15.26 -15.47 23.00
CA LEU B 354 16.04 -14.94 24.13
C LEU B 354 15.21 -13.99 24.99
N ALA B 355 14.56 -13.01 24.38
CA ALA B 355 13.69 -12.08 25.11
C ALA B 355 12.55 -12.86 25.78
N GLN B 356 11.82 -13.68 25.00
CA GLN B 356 10.71 -14.49 25.48
C GLN B 356 11.06 -15.36 26.69
N ARG B 357 12.14 -16.17 26.60
CA ARG B 357 12.58 -17.07 27.66
C ARG B 357 13.19 -16.35 28.87
N SER B 358 13.36 -15.02 28.78
CA SER B 358 13.83 -14.16 29.87
C SER B 358 12.62 -13.40 30.48
N GLY B 359 11.41 -13.85 30.15
CA GLY B 359 10.15 -13.27 30.61
C GLY B 359 9.76 -11.95 29.95
N TRP B 360 10.51 -11.55 28.91
CA TRP B 360 10.24 -10.35 28.12
C TRP B 360 9.24 -10.69 26.99
N THR B 361 8.75 -9.64 26.28
CA THR B 361 7.87 -9.79 25.13
C THR B 361 8.62 -9.28 23.90
N ALA B 362 8.42 -9.93 22.74
CA ALA B 362 9.02 -9.52 21.48
C ALA B 362 7.94 -8.86 20.65
N VAL B 363 8.10 -7.56 20.34
CA VAL B 363 7.14 -6.78 19.54
C VAL B 363 7.68 -6.74 18.12
N VAL B 364 7.09 -7.51 17.21
CA VAL B 364 7.52 -7.54 15.81
C VAL B 364 7.07 -6.24 15.11
N SER B 365 8.02 -5.56 14.45
CA SER B 365 7.78 -4.27 13.83
C SER B 365 8.13 -4.17 12.36
N HIS B 366 7.45 -3.23 11.68
CA HIS B 366 7.67 -2.82 10.29
C HIS B 366 8.66 -1.64 10.31
N ARG B 367 8.96 -1.09 9.15
CA ARG B 367 9.77 0.11 9.04
C ARG B 367 9.21 1.09 8.00
N SER B 368 9.77 2.33 7.98
CA SER B 368 9.35 3.46 7.14
C SER B 368 9.19 3.04 5.68
N GLY B 369 10.22 2.41 5.13
CA GLY B 369 10.21 1.90 3.78
C GLY B 369 9.65 0.50 3.78
N GLU B 370 8.31 0.37 3.75
CA GLU B 370 7.65 -0.92 3.71
C GLU B 370 7.34 -1.40 2.29
N SER B 371 6.69 -2.56 2.16
CA SER B 371 6.34 -3.14 0.86
C SER B 371 5.06 -3.91 0.96
N GLU B 372 4.69 -4.59 -0.15
CA GLU B 372 3.52 -5.49 -0.24
C GLU B 372 3.79 -6.81 0.49
N ASP B 373 5.08 -7.04 0.89
CA ASP B 373 5.56 -8.21 1.64
C ASP B 373 4.91 -8.22 3.03
N VAL B 374 4.40 -9.41 3.48
CA VAL B 374 3.68 -9.61 4.74
C VAL B 374 4.36 -10.62 5.67
N THR B 375 5.69 -10.88 5.53
CA THR B 375 6.45 -11.83 6.37
C THR B 375 6.19 -11.66 7.87
N ILE B 376 6.26 -10.41 8.37
CA ILE B 376 6.10 -10.07 9.79
C ILE B 376 4.73 -10.52 10.35
N ALA B 377 3.69 -10.65 9.49
CA ALA B 377 2.39 -11.15 9.92
C ALA B 377 2.49 -12.67 10.22
N ASP B 378 3.23 -13.43 9.40
CA ASP B 378 3.48 -14.87 9.60
C ASP B 378 4.53 -15.11 10.72
N LEU B 379 5.54 -14.20 10.86
CA LEU B 379 6.58 -14.31 11.89
C LEU B 379 6.02 -14.08 13.30
N VAL B 380 5.00 -13.23 13.43
CA VAL B 380 4.42 -12.92 14.73
C VAL B 380 3.52 -14.08 15.23
N VAL B 381 2.88 -14.82 14.33
CA VAL B 381 2.02 -15.97 14.68
C VAL B 381 2.90 -17.19 14.94
N ALA B 382 3.93 -17.40 14.09
CA ALA B 382 4.90 -18.50 14.22
C ALA B 382 5.55 -18.53 15.59
N THR B 383 5.85 -17.35 16.14
CA THR B 383 6.51 -17.20 17.45
C THR B 383 5.57 -16.90 18.61
N ASN B 384 4.22 -16.88 18.37
CA ASN B 384 3.22 -16.57 19.40
C ASN B 384 3.59 -15.32 20.23
N ALA B 385 4.21 -14.32 19.56
CA ALA B 385 4.76 -13.08 20.11
C ALA B 385 3.76 -12.26 20.90
N GLY B 386 2.48 -12.31 20.49
CA GLY B 386 1.36 -11.68 21.14
C GLY B 386 1.12 -10.22 20.79
N GLN B 387 2.08 -9.56 20.13
CA GLN B 387 1.99 -8.14 19.76
C GLN B 387 2.66 -7.86 18.42
N ILE B 388 2.12 -6.88 17.70
CA ILE B 388 2.67 -6.40 16.42
C ILE B 388 2.63 -4.85 16.39
N LYS B 389 3.57 -4.24 15.68
CA LYS B 389 3.64 -2.79 15.44
C LYS B 389 3.82 -2.65 13.90
N THR B 390 2.68 -2.55 13.18
CA THR B 390 2.74 -2.49 11.71
C THR B 390 2.01 -1.25 11.11
N GLY B 391 1.77 -0.24 11.94
CA GLY B 391 1.21 1.06 11.53
C GLY B 391 -0.27 1.33 11.62
N ALA B 392 -0.66 2.52 11.18
CA ALA B 392 -2.05 2.97 11.15
C ALA B 392 -2.91 2.11 10.21
N PRO B 393 -4.23 1.95 10.46
CA PRO B 393 -5.04 1.17 9.50
C PRO B 393 -5.40 2.03 8.26
N ALA B 394 -4.38 2.45 7.44
CA ALA B 394 -4.65 3.35 6.31
C ALA B 394 -3.76 3.26 5.05
N ARG B 395 -2.70 2.45 4.98
CA ARG B 395 -1.91 2.36 3.71
C ARG B 395 -1.66 0.87 3.39
N THR B 396 -1.67 0.45 2.11
CA THR B 396 -1.46 -0.98 1.74
C THR B 396 -0.16 -1.56 2.35
N ASP B 397 0.93 -0.77 2.39
CA ASP B 397 2.20 -1.13 3.05
C ASP B 397 2.02 -1.58 4.50
N ARG B 398 0.89 -1.19 5.13
CA ARG B 398 0.45 -1.53 6.50
C ARG B 398 -0.80 -2.40 6.59
N ILE B 399 -1.81 -2.10 5.76
CA ILE B 399 -3.08 -2.81 5.62
C ILE B 399 -2.85 -4.26 5.16
N ALA B 400 -1.90 -4.49 4.23
CA ALA B 400 -1.56 -5.82 3.73
C ALA B 400 -1.22 -6.76 4.87
N LYS B 401 -0.47 -6.27 5.88
CA LYS B 401 -0.08 -7.04 7.07
C LYS B 401 -1.29 -7.40 7.90
N TYR B 402 -2.21 -6.43 8.08
CA TYR B 402 -3.45 -6.65 8.82
C TYR B 402 -4.33 -7.66 8.12
N ASN B 403 -4.36 -7.62 6.75
CA ASN B 403 -5.11 -8.54 5.93
C ASN B 403 -4.55 -9.94 6.05
N GLN B 404 -3.20 -10.09 6.10
CA GLN B 404 -2.56 -11.39 6.27
C GLN B 404 -2.98 -11.99 7.61
N LEU B 405 -3.02 -11.16 8.68
CA LEU B 405 -3.50 -11.59 9.99
C LEU B 405 -4.94 -12.03 9.96
N LEU B 406 -5.77 -11.41 9.10
CA LEU B 406 -7.17 -11.86 8.95
C LEU B 406 -7.19 -13.25 8.30
N ARG B 407 -6.39 -13.46 7.22
CA ARG B 407 -6.29 -14.75 6.50
C ARG B 407 -5.77 -15.86 7.41
N ILE B 408 -4.74 -15.55 8.23
CA ILE B 408 -4.15 -16.49 9.19
C ILE B 408 -5.16 -16.91 10.22
N GLU B 409 -5.88 -15.93 10.82
CA GLU B 409 -6.91 -16.20 11.83
C GLU B 409 -8.01 -17.13 11.29
N GLU B 410 -8.53 -16.83 10.07
CA GLU B 410 -9.55 -17.64 9.40
C GLU B 410 -9.02 -19.07 9.15
N GLU B 411 -7.77 -19.18 8.68
CA GLU B 411 -7.16 -20.46 8.34
C GLU B 411 -6.94 -21.35 9.57
N LEU B 412 -6.67 -20.76 10.72
CA LEU B 412 -6.53 -21.53 11.94
C LEU B 412 -7.86 -22.06 12.46
N GLY B 413 -8.96 -21.37 12.15
CA GLY B 413 -10.29 -21.77 12.59
C GLY B 413 -10.38 -21.79 14.11
N SER B 414 -10.80 -22.94 14.67
CA SER B 414 -10.97 -23.17 16.11
C SER B 414 -9.65 -23.18 16.88
N ALA B 415 -8.53 -23.33 16.17
CA ALA B 415 -7.20 -23.33 16.77
C ALA B 415 -6.76 -21.92 17.14
N ALA B 416 -7.17 -20.92 16.35
CA ALA B 416 -6.79 -19.52 16.58
C ALA B 416 -7.15 -18.99 17.97
N ARG B 417 -6.24 -18.24 18.55
CA ARG B 417 -6.45 -17.56 19.81
C ARG B 417 -5.85 -16.16 19.68
N TYR B 418 -6.64 -15.13 20.06
CA TYR B 418 -6.18 -13.73 20.07
C TYR B 418 -5.50 -13.51 21.42
N ALA B 419 -4.32 -12.85 21.42
CA ALA B 419 -3.58 -12.66 22.67
C ALA B 419 -4.38 -11.96 23.77
N GLY B 420 -5.07 -10.87 23.41
CA GLY B 420 -5.84 -10.08 24.35
C GLY B 420 -4.97 -9.54 25.47
N ARG B 421 -5.45 -9.62 26.71
CA ARG B 421 -4.70 -9.14 27.88
C ARG B 421 -3.51 -10.08 28.25
N SER B 422 -3.56 -11.36 27.79
CA SER B 422 -2.54 -12.39 28.00
C SER B 422 -1.21 -12.12 27.24
N ALA B 423 -1.21 -11.11 26.34
CA ALA B 423 -0.05 -10.63 25.57
C ALA B 423 0.89 -9.89 26.52
N PHE B 424 0.29 -9.25 27.56
CA PHE B 424 0.97 -8.43 28.54
C PHE B 424 1.41 -9.16 29.79
N LYS B 425 2.71 -9.00 30.10
CA LYS B 425 3.38 -9.51 31.31
C LYS B 425 3.31 -8.43 32.43
N VAL B 426 2.20 -7.64 32.43
CA VAL B 426 1.85 -6.50 33.31
C VAL B 426 3.06 -5.54 33.49
MG MG C . -11.04 11.08 -12.89
C1 2PG D . -9.11 8.27 -9.81
C2 2PG D . -9.48 8.15 -8.35
C3 2PG D . -8.62 9.06 -7.47
P 2PG D . -12.00 7.23 -8.01
O1 2PG D . -9.88 8.82 -10.63
O2 2PG D . -8.01 7.79 -10.18
O3 2PG D . -9.30 10.28 -7.15
O1P 2PG D . -10.88 8.39 -8.11
O2P 2PG D . -13.19 7.82 -8.74
O3P 2PG D . -11.40 6.02 -8.70
O4P 2PG D . -12.24 7.03 -6.53
MG MG E . 10.73 3.58 17.67
C1 2PG F . 9.76 2.25 14.35
C2 2PG F . 9.95 2.69 12.91
C3 2PG F . 8.69 3.40 12.42
P 2PG F . 12.18 3.46 11.57
O1 2PG F . 9.11 1.21 14.56
O2 2PG F . 10.24 2.94 15.27
O3 2PG F . 8.21 2.73 11.24
O1P 2PG F . 11.08 3.57 12.76
O2P 2PG F . 11.54 2.69 10.44
O3P 2PG F . 12.48 4.90 11.22
O4P 2PG F . 13.34 2.74 12.22
#